data_6SBW
# 
_entry.id   6SBW 
# 
_audit_conform.dict_name       mmcif_pdbx.dic 
_audit_conform.dict_version    5.392 
_audit_conform.dict_location   http://mmcif.pdb.org/dictionaries/ascii/mmcif_pdbx.dic 
# 
loop_
_database_2.database_id 
_database_2.database_code 
_database_2.pdbx_database_accession 
_database_2.pdbx_DOI 
PDB   6SBW         pdb_00006sbw 10.2210/pdb6sbw/pdb 
WWPDB D_1292103442 ?            ?                   
# 
loop_
_pdbx_audit_revision_history.ordinal 
_pdbx_audit_revision_history.data_content_type 
_pdbx_audit_revision_history.major_revision 
_pdbx_audit_revision_history.minor_revision 
_pdbx_audit_revision_history.revision_date 
1 'Structure model' 1 0 2020-04-22 
2 'Structure model' 1 1 2024-05-15 
# 
_pdbx_audit_revision_details.ordinal             1 
_pdbx_audit_revision_details.revision_ordinal    1 
_pdbx_audit_revision_details.data_content_type   'Structure model' 
_pdbx_audit_revision_details.provider            repository 
_pdbx_audit_revision_details.type                'Initial release' 
_pdbx_audit_revision_details.description         ? 
_pdbx_audit_revision_details.details             ? 
# 
loop_
_pdbx_audit_revision_group.ordinal 
_pdbx_audit_revision_group.revision_ordinal 
_pdbx_audit_revision_group.data_content_type 
_pdbx_audit_revision_group.group 
1 2 'Structure model' 'Data collection'     
2 2 'Structure model' 'Database references' 
# 
loop_
_pdbx_audit_revision_category.ordinal 
_pdbx_audit_revision_category.revision_ordinal 
_pdbx_audit_revision_category.data_content_type 
_pdbx_audit_revision_category.category 
1 2 'Structure model' chem_comp_atom 
2 2 'Structure model' chem_comp_bond 
3 2 'Structure model' database_2     
# 
loop_
_pdbx_audit_revision_item.ordinal 
_pdbx_audit_revision_item.revision_ordinal 
_pdbx_audit_revision_item.data_content_type 
_pdbx_audit_revision_item.item 
1 2 'Structure model' '_database_2.pdbx_DOI'                
2 2 'Structure model' '_database_2.pdbx_database_accession' 
# 
_pdbx_database_status.status_code                     REL 
_pdbx_database_status.status_code_sf                  REL 
_pdbx_database_status.status_code_mr                  ? 
_pdbx_database_status.entry_id                        6SBW 
_pdbx_database_status.recvd_initial_deposition_date   2019-07-22 
_pdbx_database_status.SG_entry                        N 
_pdbx_database_status.deposit_site                    PDBE 
_pdbx_database_status.process_site                    PDBE 
_pdbx_database_status.status_code_cs                  ? 
_pdbx_database_status.methods_development_category    ? 
_pdbx_database_status.pdb_format_compatible           Y 
_pdbx_database_status.status_code_nmr_data            ? 
# 
loop_
_audit_author.name 
_audit_author.pdbx_ordinal 
_audit_author.identifier_ORCID 
'Lovering, A.L.' 1 ? 
'Cadby, I.T.'    2 ? 
# 
_citation.abstract                  ? 
_citation.abstract_id_CAS           ? 
_citation.book_id_ISBN              ? 
_citation.book_publisher            ? 
_citation.book_publisher_city       ? 
_citation.book_title                ? 
_citation.coordinate_linkage        ? 
_citation.country                   UK 
_citation.database_id_Medline       ? 
_citation.details                   ? 
_citation.id                        primary 
_citation.journal_abbrev            'Nat Commun' 
_citation.journal_id_ASTM           ? 
_citation.journal_id_CSD            ? 
_citation.journal_id_ISSN           2041-1723 
_citation.journal_full              ? 
_citation.journal_issue             ? 
_citation.journal_volume            11 
_citation.language                  ? 
_citation.page_first                1791 
_citation.page_last                 1791 
_citation.title                     
'CdbA is a DNA-binding protein and c-di-GMP receptor important for nucleoid organization and segregation in Myxococcus xanthus.' 
_citation.year                      2020 
_citation.database_id_CSD           ? 
_citation.pdbx_database_id_DOI      10.1038/s41467-020-15628-8 
_citation.pdbx_database_id_PubMed   32286293 
_citation.unpublished_flag          ? 
# 
loop_
_citation_author.citation_id 
_citation_author.name 
_citation_author.ordinal 
_citation_author.identifier_ORCID 
primary 'Skotnicka, D.'        1 ?                   
primary 'Steinchen, W.'        2 ?                   
primary 'Szadkowski, D.'       3 ?                   
primary 'Cadby, I.T.'          4 0000-0002-3135-6769 
primary 'Lovering, A.L.'       5 0000-0002-1856-7975 
primary 'Bange, G.'            6 ?                   
primary 'Sogaard-Andersen, L.' 7 0000-0002-0674-0013 
# 
_entity.id                         1 
_entity.type                       polymer 
_entity.src_method                 man 
_entity.pdbx_description           CdbA 
_entity.formula_weight             7964.869 
_entity.pdbx_number_of_molecules   1 
_entity.pdbx_ec                    ? 
_entity.pdbx_mutation              ? 
_entity.pdbx_fragment              ? 
_entity.details                    ? 
# 
_entity_poly.entity_id                      1 
_entity_poly.type                           'polypeptide(L)' 
_entity_poly.nstd_linkage                   no 
_entity_poly.nstd_monomer                   no 
_entity_poly.pdbx_seq_one_letter_code       MAGTDKRKQSLYFPEEMLKEIQEEATRQDRSLSWVVQQAWKIARERIKSFPAVNDVTGDERQDPREE 
_entity_poly.pdbx_seq_one_letter_code_can   MAGTDKRKQSLYFPEEMLKEIQEEATRQDRSLSWVVQQAWKIARERIKSFPAVNDVTGDERQDPREE 
_entity_poly.pdbx_strand_id                 A 
_entity_poly.pdbx_target_identifier         ? 
# 
loop_
_entity_poly_seq.entity_id 
_entity_poly_seq.num 
_entity_poly_seq.mon_id 
_entity_poly_seq.hetero 
1 1  MET n 
1 2  ALA n 
1 3  GLY n 
1 4  THR n 
1 5  ASP n 
1 6  LYS n 
1 7  ARG n 
1 8  LYS n 
1 9  GLN n 
1 10 SER n 
1 11 LEU n 
1 12 TYR n 
1 13 PHE n 
1 14 PRO n 
1 15 GLU n 
1 16 GLU n 
1 17 MET n 
1 18 LEU n 
1 19 LYS n 
1 20 GLU n 
1 21 ILE n 
1 22 GLN n 
1 23 GLU n 
1 24 GLU n 
1 25 ALA n 
1 26 THR n 
1 27 ARG n 
1 28 GLN n 
1 29 ASP n 
1 30 ARG n 
1 31 SER n 
1 32 LEU n 
1 33 SER n 
1 34 TRP n 
1 35 VAL n 
1 36 VAL n 
1 37 GLN n 
1 38 GLN n 
1 39 ALA n 
1 40 TRP n 
1 41 LYS n 
1 42 ILE n 
1 43 ALA n 
1 44 ARG n 
1 45 GLU n 
1 46 ARG n 
1 47 ILE n 
1 48 LYS n 
1 49 SER n 
1 50 PHE n 
1 51 PRO n 
1 52 ALA n 
1 53 VAL n 
1 54 ASN n 
1 55 ASP n 
1 56 VAL n 
1 57 THR n 
1 58 GLY n 
1 59 ASP n 
1 60 GLU n 
1 61 ARG n 
1 62 GLN n 
1 63 ASP n 
1 64 PRO n 
1 65 ARG n 
1 66 GLU n 
1 67 GLU n 
# 
_entity_src_gen.entity_id                          1 
_entity_src_gen.pdbx_src_id                        1 
_entity_src_gen.pdbx_alt_source_flag               sample 
_entity_src_gen.pdbx_seq_type                      'Biological sequence' 
_entity_src_gen.pdbx_beg_seq_num                   1 
_entity_src_gen.pdbx_end_seq_num                   67 
_entity_src_gen.gene_src_common_name               ? 
_entity_src_gen.gene_src_genus                     ? 
_entity_src_gen.pdbx_gene_src_gene                 MXAN_4361 
_entity_src_gen.gene_src_species                   ? 
_entity_src_gen.gene_src_strain                    ? 
_entity_src_gen.gene_src_tissue                    ? 
_entity_src_gen.gene_src_tissue_fraction           ? 
_entity_src_gen.gene_src_details                   ? 
_entity_src_gen.pdbx_gene_src_fragment             ? 
_entity_src_gen.pdbx_gene_src_scientific_name      'Myxococcus xanthus DK 1622' 
_entity_src_gen.pdbx_gene_src_ncbi_taxonomy_id     246197 
_entity_src_gen.pdbx_gene_src_variant              ? 
_entity_src_gen.pdbx_gene_src_cell_line            ? 
_entity_src_gen.pdbx_gene_src_atcc                 ? 
_entity_src_gen.pdbx_gene_src_organ                ? 
_entity_src_gen.pdbx_gene_src_organelle            ? 
_entity_src_gen.pdbx_gene_src_cell                 ? 
_entity_src_gen.pdbx_gene_src_cellular_location    ? 
_entity_src_gen.host_org_common_name               ? 
_entity_src_gen.pdbx_host_org_scientific_name      'Escherichia coli' 
_entity_src_gen.pdbx_host_org_ncbi_taxonomy_id     562 
_entity_src_gen.host_org_genus                     ? 
_entity_src_gen.pdbx_host_org_gene                 ? 
_entity_src_gen.pdbx_host_org_organ                ? 
_entity_src_gen.host_org_species                   ? 
_entity_src_gen.pdbx_host_org_tissue               ? 
_entity_src_gen.pdbx_host_org_tissue_fraction      ? 
_entity_src_gen.pdbx_host_org_strain               ? 
_entity_src_gen.pdbx_host_org_variant              ? 
_entity_src_gen.pdbx_host_org_cell_line            ? 
_entity_src_gen.pdbx_host_org_atcc                 ? 
_entity_src_gen.pdbx_host_org_culture_collection   ? 
_entity_src_gen.pdbx_host_org_cell                 ? 
_entity_src_gen.pdbx_host_org_organelle            ? 
_entity_src_gen.pdbx_host_org_cellular_location    ? 
_entity_src_gen.pdbx_host_org_vector_type          ? 
_entity_src_gen.pdbx_host_org_vector               ? 
_entity_src_gen.host_org_details                   ? 
_entity_src_gen.expression_system_id               ? 
_entity_src_gen.plasmid_name                       ? 
_entity_src_gen.plasmid_details                    ? 
_entity_src_gen.pdbx_description                   ? 
# 
loop_
_chem_comp.id 
_chem_comp.type 
_chem_comp.mon_nstd_flag 
_chem_comp.name 
_chem_comp.pdbx_synonyms 
_chem_comp.formula 
_chem_comp.formula_weight 
ALA 'L-peptide linking' y ALANINE         ? 'C3 H7 N O2'     89.093  
ARG 'L-peptide linking' y ARGININE        ? 'C6 H15 N4 O2 1' 175.209 
ASN 'L-peptide linking' y ASPARAGINE      ? 'C4 H8 N2 O3'    132.118 
ASP 'L-peptide linking' y 'ASPARTIC ACID' ? 'C4 H7 N O4'     133.103 
GLN 'L-peptide linking' y GLUTAMINE       ? 'C5 H10 N2 O3'   146.144 
GLU 'L-peptide linking' y 'GLUTAMIC ACID' ? 'C5 H9 N O4'     147.129 
GLY 'peptide linking'   y GLYCINE         ? 'C2 H5 N O2'     75.067  
ILE 'L-peptide linking' y ISOLEUCINE      ? 'C6 H13 N O2'    131.173 
LEU 'L-peptide linking' y LEUCINE         ? 'C6 H13 N O2'    131.173 
LYS 'L-peptide linking' y LYSINE          ? 'C6 H15 N2 O2 1' 147.195 
MET 'L-peptide linking' y METHIONINE      ? 'C5 H11 N O2 S'  149.211 
PHE 'L-peptide linking' y PHENYLALANINE   ? 'C9 H11 N O2'    165.189 
PRO 'L-peptide linking' y PROLINE         ? 'C5 H9 N O2'     115.130 
SER 'L-peptide linking' y SERINE          ? 'C3 H7 N O3'     105.093 
THR 'L-peptide linking' y THREONINE       ? 'C4 H9 N O3'     119.119 
TRP 'L-peptide linking' y TRYPTOPHAN      ? 'C11 H12 N2 O2'  204.225 
TYR 'L-peptide linking' y TYROSINE        ? 'C9 H11 N O3'    181.189 
VAL 'L-peptide linking' y VALINE          ? 'C5 H11 N O2'    117.146 
# 
loop_
_pdbx_poly_seq_scheme.asym_id 
_pdbx_poly_seq_scheme.entity_id 
_pdbx_poly_seq_scheme.seq_id 
_pdbx_poly_seq_scheme.mon_id 
_pdbx_poly_seq_scheme.ndb_seq_num 
_pdbx_poly_seq_scheme.pdb_seq_num 
_pdbx_poly_seq_scheme.auth_seq_num 
_pdbx_poly_seq_scheme.pdb_mon_id 
_pdbx_poly_seq_scheme.auth_mon_id 
_pdbx_poly_seq_scheme.pdb_strand_id 
_pdbx_poly_seq_scheme.pdb_ins_code 
_pdbx_poly_seq_scheme.hetero 
A 1 1  MET 1  1  ?  ?   ?   A . n 
A 1 2  ALA 2  2  ?  ?   ?   A . n 
A 1 3  GLY 3  3  ?  ?   ?   A . n 
A 1 4  THR 4  4  ?  ?   ?   A . n 
A 1 5  ASP 5  5  5  ASP ASP A . n 
A 1 6  LYS 6  6  6  LYS LYS A . n 
A 1 7  ARG 7  7  7  ARG ARG A . n 
A 1 8  LYS 8  8  8  LYS LYS A . n 
A 1 9  GLN 9  9  9  GLN GLN A . n 
A 1 10 SER 10 10 10 SER SER A . n 
A 1 11 LEU 11 11 11 LEU LEU A . n 
A 1 12 TYR 12 12 12 TYR TYR A . n 
A 1 13 PHE 13 13 13 PHE PHE A . n 
A 1 14 PRO 14 14 14 PRO PRO A . n 
A 1 15 GLU 15 15 15 GLU GLU A . n 
A 1 16 GLU 16 16 16 GLU GLU A . n 
A 1 17 MET 17 17 17 MET MET A . n 
A 1 18 LEU 18 18 18 LEU LEU A . n 
A 1 19 LYS 19 19 19 LYS LYS A . n 
A 1 20 GLU 20 20 20 GLU GLU A . n 
A 1 21 ILE 21 21 21 ILE ILE A . n 
A 1 22 GLN 22 22 22 GLN GLN A . n 
A 1 23 GLU 23 23 23 GLU GLU A . n 
A 1 24 GLU 24 24 24 GLU GLU A . n 
A 1 25 ALA 25 25 25 ALA ALA A . n 
A 1 26 THR 26 26 26 THR THR A . n 
A 1 27 ARG 27 27 27 ARG ARG A . n 
A 1 28 GLN 28 28 28 GLN GLN A . n 
A 1 29 ASP 29 29 29 ASP ASP A . n 
A 1 30 ARG 30 30 30 ARG ARG A . n 
A 1 31 SER 31 31 31 SER SER A . n 
A 1 32 LEU 32 32 32 LEU LEU A . n 
A 1 33 SER 33 33 33 SER SER A . n 
A 1 34 TRP 34 34 34 TRP TRP A . n 
A 1 35 VAL 35 35 35 VAL VAL A . n 
A 1 36 VAL 36 36 36 VAL VAL A . n 
A 1 37 GLN 37 37 37 GLN GLN A . n 
A 1 38 GLN 38 38 38 GLN GLN A . n 
A 1 39 ALA 39 39 39 ALA ALA A . n 
A 1 40 TRP 40 40 40 TRP TRP A . n 
A 1 41 LYS 41 41 41 LYS LYS A . n 
A 1 42 ILE 42 42 42 ILE ILE A . n 
A 1 43 ALA 43 43 43 ALA ALA A . n 
A 1 44 ARG 44 44 44 ARG ARG A . n 
A 1 45 GLU 45 45 45 GLU GLU A . n 
A 1 46 ARG 46 46 46 ARG ARG A . n 
A 1 47 ILE 47 47 47 ILE ILE A . n 
A 1 48 LYS 48 48 48 LYS LYS A . n 
A 1 49 SER 49 49 49 SER SER A . n 
A 1 50 PHE 50 50 50 PHE PHE A . n 
A 1 51 PRO 51 51 51 PRO PRO A . n 
A 1 52 ALA 52 52 52 ALA ALA A . n 
A 1 53 VAL 53 53 ?  ?   ?   A . n 
A 1 54 ASN 54 54 ?  ?   ?   A . n 
A 1 55 ASP 55 55 ?  ?   ?   A . n 
A 1 56 VAL 56 56 ?  ?   ?   A . n 
A 1 57 THR 57 57 ?  ?   ?   A . n 
A 1 58 GLY 58 58 ?  ?   ?   A . n 
A 1 59 ASP 59 59 ?  ?   ?   A . n 
A 1 60 GLU 60 60 ?  ?   ?   A . n 
A 1 61 ARG 61 61 ?  ?   ?   A . n 
A 1 62 GLN 62 62 ?  ?   ?   A . n 
A 1 63 ASP 63 63 ?  ?   ?   A . n 
A 1 64 PRO 64 64 ?  ?   ?   A . n 
A 1 65 ARG 65 65 ?  ?   ?   A . n 
A 1 66 GLU 66 66 ?  ?   ?   A . n 
A 1 67 GLU 67 67 ?  ?   ?   A . n 
# 
loop_
_software.citation_id 
_software.classification 
_software.compiler_name 
_software.compiler_version 
_software.contact_author 
_software.contact_author_email 
_software.date 
_software.description 
_software.dependencies 
_software.hardware 
_software.language 
_software.location 
_software.mods 
_software.name 
_software.os 
_software.os_version 
_software.type 
_software.version 
_software.pdbx_ordinal 
? 'data reduction'  ? ? 'Wolfgang Kabsch'     Wolfgang.Kabsch@mpimf-heidelberg.mpg.de ?              ? ? ? ?          
http://www.mpimf-heidelberg.mpg.de/~kabsch/xds/     ? XDS         ? ? package .    1 
? 'data scaling'    ? ? 'Phil Evans'          ?                                       ?              ? ? ? ?          
http://www.mrc-lmb.cam.ac.uk/harry/pre/aimless.html ? Aimless     ? ? program .    2 
? phasing           ? ? 'George M. Sheldrick' gsheldr@shelx.uni-ac.gwdg.de            ?              ? ? ? Fortran_77 
http://shelx.uni-ac.gwdg.de/SHELX/                  ? SHELXDE     ? ? package .    3 
? refinement        ? ? 'Garib N. Murshudov'  garib@ysbl.york.ac.uk                   ?              ? ? ? Fortran_77 
http://www.ccp4.ac.uk/dist/html/refmac5.html        ? REFMAC      ? ? program .    4 
? 'data extraction' ? ? PDB                   deposit@deposit.rcsb.org                'Apr. 1, 2019' ? ? ? C++        
http://sw-tools.pdb.org/apps/PDB_EXTRACT/           ? PDB_EXTRACT ? ? package 3.25 5 
# 
_cell.angle_alpha                  90.000 
_cell.angle_alpha_esd              ? 
_cell.angle_beta                   90.000 
_cell.angle_beta_esd               ? 
_cell.angle_gamma                  90.000 
_cell.angle_gamma_esd              ? 
_cell.entry_id                     6SBW 
_cell.details                      ? 
_cell.formula_units_Z              ? 
_cell.length_a                     61.474 
_cell.length_a_esd                 ? 
_cell.length_b                     61.474 
_cell.length_b_esd                 ? 
_cell.length_c                     94.915 
_cell.length_c_esd                 ? 
_cell.volume                       ? 
_cell.volume_esd                   ? 
_cell.Z_PDB                        16 
_cell.reciprocal_angle_alpha       ? 
_cell.reciprocal_angle_beta        ? 
_cell.reciprocal_angle_gamma       ? 
_cell.reciprocal_angle_alpha_esd   ? 
_cell.reciprocal_angle_beta_esd    ? 
_cell.reciprocal_angle_gamma_esd   ? 
_cell.reciprocal_length_a          ? 
_cell.reciprocal_length_b          ? 
_cell.reciprocal_length_c          ? 
_cell.reciprocal_length_a_esd      ? 
_cell.reciprocal_length_b_esd      ? 
_cell.reciprocal_length_c_esd      ? 
_cell.pdbx_unique_axis             ? 
# 
_symmetry.entry_id                         6SBW 
_symmetry.cell_setting                     ? 
_symmetry.Int_Tables_number                98 
_symmetry.space_group_name_Hall            ? 
_symmetry.space_group_name_H-M             'I 41 2 2' 
_symmetry.pdbx_full_space_group_name_H-M   ? 
# 
_exptl.absorpt_coefficient_mu     ? 
_exptl.absorpt_correction_T_max   ? 
_exptl.absorpt_correction_T_min   ? 
_exptl.absorpt_correction_type    ? 
_exptl.absorpt_process_details    ? 
_exptl.entry_id                   6SBW 
_exptl.crystals_number            1 
_exptl.details                    ? 
_exptl.method                     'X-RAY DIFFRACTION' 
_exptl.method_details             ? 
# 
_exptl_crystal.colour                      ? 
_exptl_crystal.density_diffrn              ? 
_exptl_crystal.density_Matthews            2.81 
_exptl_crystal.density_method              ? 
_exptl_crystal.density_percent_sol         56.30 
_exptl_crystal.description                 ? 
_exptl_crystal.F_000                       ? 
_exptl_crystal.id                          1 
_exptl_crystal.preparation                 ? 
_exptl_crystal.size_max                    ? 
_exptl_crystal.size_mid                    ? 
_exptl_crystal.size_min                    ? 
_exptl_crystal.size_rad                    ? 
_exptl_crystal.colour_lustre               ? 
_exptl_crystal.colour_modifier             ? 
_exptl_crystal.colour_primary              ? 
_exptl_crystal.density_meas                ? 
_exptl_crystal.density_meas_esd            ? 
_exptl_crystal.density_meas_gt             ? 
_exptl_crystal.density_meas_lt             ? 
_exptl_crystal.density_meas_temp           ? 
_exptl_crystal.density_meas_temp_esd       ? 
_exptl_crystal.density_meas_temp_gt        ? 
_exptl_crystal.density_meas_temp_lt        ? 
_exptl_crystal.pdbx_crystal_image_url      ? 
_exptl_crystal.pdbx_crystal_image_format   ? 
_exptl_crystal.pdbx_mosaicity              ? 
_exptl_crystal.pdbx_mosaicity_esd          ? 
# 
_exptl_crystal_grow.apparatus       ? 
_exptl_crystal_grow.atmosphere      ? 
_exptl_crystal_grow.crystal_id      1 
_exptl_crystal_grow.details         ? 
_exptl_crystal_grow.method          'VAPOR DIFFUSION, SITTING DROP' 
_exptl_crystal_grow.method_ref      ? 
_exptl_crystal_grow.pH              7 
_exptl_crystal_grow.pressure        ? 
_exptl_crystal_grow.pressure_esd    ? 
_exptl_crystal_grow.seeding         ? 
_exptl_crystal_grow.seeding_ref     ? 
_exptl_crystal_grow.temp            289 
_exptl_crystal_grow.temp_details    ? 
_exptl_crystal_grow.temp_esd        ? 
_exptl_crystal_grow.time            ? 
_exptl_crystal_grow.pdbx_details    
;0.1M MgCl2
0.1M Hepes pH 7
15% PEG 4000
;
_exptl_crystal_grow.pdbx_pH_range   ? 
# 
_diffrn.ambient_environment              ? 
_diffrn.ambient_temp                     100 
_diffrn.ambient_temp_details             ? 
_diffrn.ambient_temp_esd                 ? 
_diffrn.crystal_id                       1 
_diffrn.crystal_support                  ? 
_diffrn.crystal_treatment                ? 
_diffrn.details                          ? 
_diffrn.id                               1 
_diffrn.ambient_pressure                 ? 
_diffrn.ambient_pressure_esd             ? 
_diffrn.ambient_pressure_gt              ? 
_diffrn.ambient_pressure_lt              ? 
_diffrn.ambient_temp_gt                  ? 
_diffrn.ambient_temp_lt                  ? 
_diffrn.pdbx_serial_crystal_experiment   N 
# 
_diffrn_detector.details                      ? 
_diffrn_detector.detector                     PIXEL 
_diffrn_detector.diffrn_id                    1 
_diffrn_detector.type                         'DECTRIS PILATUS3 S 6M' 
_diffrn_detector.area_resol_mean              ? 
_diffrn_detector.dtime                        ? 
_diffrn_detector.pdbx_frames_total            ? 
_diffrn_detector.pdbx_collection_time_total   ? 
_diffrn_detector.pdbx_collection_date         2016-04-01 
_diffrn_detector.pdbx_frequency               ? 
# 
_diffrn_radiation.collimation                      ? 
_diffrn_radiation.diffrn_id                        1 
_diffrn_radiation.filter_edge                      ? 
_diffrn_radiation.inhomogeneity                    ? 
_diffrn_radiation.monochromator                    ? 
_diffrn_radiation.polarisn_norm                    ? 
_diffrn_radiation.polarisn_ratio                   ? 
_diffrn_radiation.probe                            ? 
_diffrn_radiation.type                             ? 
_diffrn_radiation.xray_symbol                      ? 
_diffrn_radiation.wavelength_id                    1 
_diffrn_radiation.pdbx_monochromatic_or_laue_m_l   M 
_diffrn_radiation.pdbx_wavelength_list             ? 
_diffrn_radiation.pdbx_wavelength                  ? 
_diffrn_radiation.pdbx_diffrn_protocol             'SINGLE WAVELENGTH' 
_diffrn_radiation.pdbx_analyzer                    ? 
_diffrn_radiation.pdbx_scattering_type             x-ray 
# 
_diffrn_radiation_wavelength.id           1 
_diffrn_radiation_wavelength.wavelength   1 
_diffrn_radiation_wavelength.wt           1.0 
# 
_diffrn_source.current                     ? 
_diffrn_source.details                     ? 
_diffrn_source.diffrn_id                   1 
_diffrn_source.power                       ? 
_diffrn_source.size                        ? 
_diffrn_source.source                      SYNCHROTRON 
_diffrn_source.target                      ? 
_diffrn_source.type                        'DIAMOND BEAMLINE I02' 
_diffrn_source.voltage                     ? 
_diffrn_source.take-off_angle              ? 
_diffrn_source.pdbx_wavelength_list        1 
_diffrn_source.pdbx_wavelength             ? 
_diffrn_source.pdbx_synchrotron_beamline   I02 
_diffrn_source.pdbx_synchrotron_site       Diamond 
# 
_reflns.B_iso_Wilson_estimate            ? 
_reflns.entry_id                         6SBW 
_reflns.data_reduction_details           ? 
_reflns.data_reduction_method            ? 
_reflns.d_resolution_high                2.24 
_reflns.d_resolution_low                 47.46 
_reflns.details                          ? 
_reflns.limit_h_max                      ? 
_reflns.limit_h_min                      ? 
_reflns.limit_k_max                      ? 
_reflns.limit_k_min                      ? 
_reflns.limit_l_max                      ? 
_reflns.limit_l_min                      ? 
_reflns.number_all                       ? 
_reflns.number_obs                       51709 
_reflns.observed_criterion               ? 
_reflns.observed_criterion_F_max         ? 
_reflns.observed_criterion_F_min         ? 
_reflns.observed_criterion_I_max         ? 
_reflns.observed_criterion_I_min         ? 
_reflns.observed_criterion_sigma_F       ? 
_reflns.observed_criterion_sigma_I       ? 
_reflns.percent_possible_obs             100 
_reflns.R_free_details                   ? 
_reflns.Rmerge_F_all                     ? 
_reflns.Rmerge_F_obs                     ? 
_reflns.Friedel_coverage                 ? 
_reflns.number_gt                        ? 
_reflns.threshold_expression             ? 
_reflns.pdbx_redundancy                  11.1 
_reflns.pdbx_Rmerge_I_obs                ? 
_reflns.pdbx_Rmerge_I_all                ? 
_reflns.pdbx_Rsym_value                  ? 
_reflns.pdbx_netI_over_av_sigmaI         ? 
_reflns.pdbx_netI_over_sigmaI            19.7 
_reflns.pdbx_res_netI_over_av_sigmaI_2   ? 
_reflns.pdbx_res_netI_over_sigmaI_2      ? 
_reflns.pdbx_chi_squared                 ? 
_reflns.pdbx_scaling_rejects             ? 
_reflns.pdbx_d_res_high_opt              ? 
_reflns.pdbx_d_res_low_opt               ? 
_reflns.pdbx_d_res_opt_method            ? 
_reflns.phase_calculation_details        ? 
_reflns.pdbx_Rrim_I_all                  ? 
_reflns.pdbx_Rpim_I_all                  ? 
_reflns.pdbx_d_opt                       ? 
_reflns.pdbx_number_measured_all         ? 
_reflns.pdbx_diffrn_id                   1 
_reflns.pdbx_ordinal                     1 
_reflns.pdbx_CC_half                     ? 
_reflns.pdbx_R_split                     ? 
# 
_reflns_shell.d_res_high                  2.24 
_reflns_shell.d_res_low                   2.3 
_reflns_shell.meanI_over_sigI_all         ? 
_reflns_shell.meanI_over_sigI_obs         ? 
_reflns_shell.number_measured_all         ? 
_reflns_shell.number_measured_obs         ? 
_reflns_shell.number_possible             ? 
_reflns_shell.number_unique_all           ? 
_reflns_shell.number_unique_obs           346 
_reflns_shell.percent_possible_all        ? 
_reflns_shell.percent_possible_obs        ? 
_reflns_shell.Rmerge_F_all                ? 
_reflns_shell.Rmerge_F_obs                ? 
_reflns_shell.Rmerge_I_all                ? 
_reflns_shell.Rmerge_I_obs                ? 
_reflns_shell.meanI_over_sigI_gt          ? 
_reflns_shell.meanI_over_uI_all           ? 
_reflns_shell.meanI_over_uI_gt            ? 
_reflns_shell.number_measured_gt          ? 
_reflns_shell.number_unique_gt            ? 
_reflns_shell.percent_possible_gt         ? 
_reflns_shell.Rmerge_F_gt                 ? 
_reflns_shell.Rmerge_I_gt                 ? 
_reflns_shell.pdbx_redundancy             ? 
_reflns_shell.pdbx_Rsym_value             ? 
_reflns_shell.pdbx_chi_squared            ? 
_reflns_shell.pdbx_netI_over_sigmaI_all   ? 
_reflns_shell.pdbx_netI_over_sigmaI_obs   ? 
_reflns_shell.pdbx_Rrim_I_all             ? 
_reflns_shell.pdbx_Rpim_I_all             ? 
_reflns_shell.pdbx_rejects                ? 
_reflns_shell.pdbx_ordinal                1 
_reflns_shell.pdbx_diffrn_id              1 
_reflns_shell.pdbx_CC_half                ? 
_reflns_shell.pdbx_R_split                ? 
# 
_refine.aniso_B[1][1]                            1.4500 
_refine.aniso_B[1][2]                            -0.0000 
_refine.aniso_B[1][3]                            -0.0000 
_refine.aniso_B[2][2]                            1.4500 
_refine.aniso_B[2][3]                            -0.0000 
_refine.aniso_B[3][3]                            -2.9100 
_refine.B_iso_max                                163.660 
_refine.B_iso_mean                               80.5430 
_refine.B_iso_min                                41.920 
_refine.correlation_coeff_Fo_to_Fc               0.9600 
_refine.correlation_coeff_Fo_to_Fc_free          0.9370 
_refine.details                                  'U VALUES      : WITH TLS ADDED HYDROGENS HAVE BEEN ADDED IN THE RIDING POSITIONS' 
_refine.diff_density_max                         ? 
_refine.diff_density_max_esd                     ? 
_refine.diff_density_min                         ? 
_refine.diff_density_min_esd                     ? 
_refine.diff_density_rms                         ? 
_refine.diff_density_rms_esd                     ? 
_refine.entry_id                                 6SBW 
_refine.pdbx_refine_id                           'X-RAY DIFFRACTION' 
_refine.ls_abs_structure_details                 ? 
_refine.ls_abs_structure_Flack                   ? 
_refine.ls_abs_structure_Flack_esd               ? 
_refine.ls_abs_structure_Rogers                  ? 
_refine.ls_abs_structure_Rogers_esd              ? 
_refine.ls_d_res_high                            2.2400 
_refine.ls_d_res_low                             43.5100 
_refine.ls_extinction_coef                       ? 
_refine.ls_extinction_coef_esd                   ? 
_refine.ls_extinction_expression                 ? 
_refine.ls_extinction_method                     ? 
_refine.ls_goodness_of_fit_all                   ? 
_refine.ls_goodness_of_fit_all_esd               ? 
_refine.ls_goodness_of_fit_obs                   ? 
_refine.ls_goodness_of_fit_obs_esd               ? 
_refine.ls_hydrogen_treatment                    ? 
_refine.ls_matrix_type                           ? 
_refine.ls_number_constraints                    ? 
_refine.ls_number_parameters                     ? 
_refine.ls_number_reflns_all                     ? 
_refine.ls_number_reflns_obs                     4180 
_refine.ls_number_reflns_R_free                  447 
_refine.ls_number_reflns_R_work                  ? 
_refine.ls_number_restraints                     ? 
_refine.ls_percent_reflns_obs                    99.5500 
_refine.ls_percent_reflns_R_free                 9.7000 
_refine.ls_R_factor_all                          ? 
_refine.ls_R_factor_obs                          0.2361 
_refine.ls_R_factor_R_free                       0.2774 
_refine.ls_R_factor_R_free_error                 ? 
_refine.ls_R_factor_R_free_error_details         ? 
_refine.ls_R_factor_R_work                       0.2315 
_refine.ls_R_Fsqd_factor_obs                     ? 
_refine.ls_R_I_factor_obs                        ? 
_refine.ls_redundancy_reflns_all                 ? 
_refine.ls_redundancy_reflns_obs                 ? 
_refine.ls_restrained_S_all                      ? 
_refine.ls_restrained_S_obs                      ? 
_refine.ls_shift_over_esd_max                    ? 
_refine.ls_shift_over_esd_mean                   ? 
_refine.ls_structure_factor_coef                 ? 
_refine.ls_weighting_details                     ? 
_refine.ls_weighting_scheme                      ? 
_refine.ls_wR_factor_all                         ? 
_refine.ls_wR_factor_obs                         ? 
_refine.ls_wR_factor_R_free                      ? 
_refine.ls_wR_factor_R_work                      ? 
_refine.occupancy_max                            ? 
_refine.occupancy_min                            ? 
_refine.solvent_model_details                    ? 
_refine.solvent_model_param_bsol                 ? 
_refine.solvent_model_param_ksol                 ? 
_refine.ls_R_factor_gt                           ? 
_refine.ls_goodness_of_fit_gt                    ? 
_refine.ls_goodness_of_fit_ref                   ? 
_refine.ls_shift_over_su_max                     ? 
_refine.ls_shift_over_su_max_lt                  ? 
_refine.ls_shift_over_su_mean                    ? 
_refine.ls_shift_over_su_mean_lt                 ? 
_refine.pdbx_ls_sigma_I                          ? 
_refine.pdbx_ls_sigma_F                          0.000 
_refine.pdbx_ls_sigma_Fsqd                       ? 
_refine.pdbx_data_cutoff_high_absF               ? 
_refine.pdbx_data_cutoff_high_rms_absF           ? 
_refine.pdbx_data_cutoff_low_absF                ? 
_refine.pdbx_isotropic_thermal_model             ? 
_refine.pdbx_ls_cross_valid_method               THROUGHOUT 
_refine.pdbx_method_to_determine_struct          SAD 
_refine.pdbx_starting_model                      ? 
_refine.pdbx_stereochemistry_target_values       ? 
_refine.pdbx_R_Free_selection_details            RANDOM 
_refine.pdbx_stereochem_target_val_spec_case     ? 
_refine.pdbx_overall_ESU_R                       0.2170 
_refine.pdbx_overall_ESU_R_Free                  0.2020 
_refine.pdbx_solvent_vdw_probe_radii             1.2000 
_refine.pdbx_solvent_ion_probe_radii             0.9000 
_refine.pdbx_solvent_shrinkage_radii             0.9000 
_refine.pdbx_real_space_R                        ? 
_refine.pdbx_density_correlation                 ? 
_refine.pdbx_pd_number_of_powder_patterns        ? 
_refine.pdbx_pd_number_of_points                 ? 
_refine.pdbx_pd_meas_number_of_points            ? 
_refine.pdbx_pd_proc_ls_prof_R_factor            ? 
_refine.pdbx_pd_proc_ls_prof_wR_factor           ? 
_refine.pdbx_pd_Marquardt_correlation_coeff      ? 
_refine.pdbx_pd_Fsqrd_R_factor                   ? 
_refine.pdbx_pd_ls_matrix_band_width             ? 
_refine.pdbx_overall_phase_error                 ? 
_refine.pdbx_overall_SU_R_free_Cruickshank_DPI   ? 
_refine.pdbx_overall_SU_R_free_Blow_DPI          ? 
_refine.pdbx_overall_SU_R_Blow_DPI               ? 
_refine.pdbx_TLS_residual_ADP_flag               ? 
_refine.pdbx_diffrn_id                           1 
_refine.overall_SU_B                             23.2260 
_refine.overall_SU_ML                            0.2290 
_refine.overall_SU_R_Cruickshank_DPI             ? 
_refine.overall_SU_R_free                        ? 
_refine.overall_FOM_free_R_set                   ? 
_refine.overall_FOM_work_R_set                   ? 
_refine.pdbx_average_fsc_overall                 ? 
_refine.pdbx_average_fsc_work                    ? 
_refine.pdbx_average_fsc_free                    ? 
# 
_refine_hist.pdbx_refine_id                   'X-RAY DIFFRACTION' 
_refine_hist.cycle_id                         final 
_refine_hist.details                          ? 
_refine_hist.d_res_high                       2.2400 
_refine_hist.d_res_low                        43.5100 
_refine_hist.number_atoms_solvent             0 
_refine_hist.number_atoms_total               412 
_refine_hist.number_reflns_all                ? 
_refine_hist.number_reflns_obs                ? 
_refine_hist.number_reflns_R_free             ? 
_refine_hist.number_reflns_R_work             ? 
_refine_hist.R_factor_all                     ? 
_refine_hist.R_factor_obs                     ? 
_refine_hist.R_factor_R_free                  ? 
_refine_hist.R_factor_R_work                  ? 
_refine_hist.pdbx_number_residues_total       48 
_refine_hist.pdbx_B_iso_mean_ligand           ? 
_refine_hist.pdbx_B_iso_mean_solvent          ? 
_refine_hist.pdbx_number_atoms_protein        412 
_refine_hist.pdbx_number_atoms_nucleic_acid   0 
_refine_hist.pdbx_number_atoms_ligand         0 
_refine_hist.pdbx_number_atoms_lipid          ? 
_refine_hist.pdbx_number_atoms_carb           ? 
_refine_hist.pdbx_pseudo_atom_details         ? 
# 
loop_
_refine_ls_restr.pdbx_refine_id 
_refine_ls_restr.criterion 
_refine_ls_restr.dev_ideal 
_refine_ls_restr.dev_ideal_target 
_refine_ls_restr.number 
_refine_ls_restr.rejects 
_refine_ls_restr.type 
_refine_ls_restr.weight 
_refine_ls_restr.pdbx_restraint_function 
'X-RAY DIFFRACTION' ? 0.006  0.013  420 ? r_bond_refined_d       ? ? 
'X-RAY DIFFRACTION' ? 0.001  0.018  401 ? r_bond_other_d         ? ? 
'X-RAY DIFFRACTION' ? 1.371  1.655  562 ? r_angle_refined_deg    ? ? 
'X-RAY DIFFRACTION' ? 1.183  1.592  931 ? r_angle_other_deg      ? ? 
'X-RAY DIFFRACTION' ? 7.636  5.000  47  ? r_dihedral_angle_1_deg ? ? 
'X-RAY DIFFRACTION' ? 34.829 21.071 28  ? r_dihedral_angle_2_deg ? ? 
'X-RAY DIFFRACTION' ? 19.414 15.000 86  ? r_dihedral_angle_3_deg ? ? 
'X-RAY DIFFRACTION' ? 10.998 15.000 5   ? r_dihedral_angle_4_deg ? ? 
'X-RAY DIFFRACTION' ? 0.065  0.200  52  ? r_chiral_restr         ? ? 
'X-RAY DIFFRACTION' ? 0.005  0.020  455 ? r_gen_planes_refined   ? ? 
'X-RAY DIFFRACTION' ? 0.001  0.020  96  ? r_gen_planes_other     ? ? 
# 
_refine_ls_shell.pdbx_refine_id                   'X-RAY DIFFRACTION' 
_refine_ls_shell.d_res_high                       2.2400 
_refine_ls_shell.d_res_low                        2.2980 
_refine_ls_shell.number_reflns_all                342 
_refine_ls_shell.number_reflns_obs                ? 
_refine_ls_shell.number_reflns_R_free             27 
_refine_ls_shell.number_reflns_R_work             315 
_refine_ls_shell.percent_reflns_obs               98.8400 
_refine_ls_shell.percent_reflns_R_free            ? 
_refine_ls_shell.R_factor_all                     ? 
_refine_ls_shell.R_factor_obs                     ? 
_refine_ls_shell.R_factor_R_free                  0.5350 
_refine_ls_shell.R_factor_R_free_error            0.0000 
_refine_ls_shell.R_factor_R_work                  0.4840 
_refine_ls_shell.redundancy_reflns_all            ? 
_refine_ls_shell.redundancy_reflns_obs            ? 
_refine_ls_shell.wR_factor_all                    ? 
_refine_ls_shell.wR_factor_obs                    ? 
_refine_ls_shell.wR_factor_R_free                 ? 
_refine_ls_shell.wR_factor_R_work                 ? 
_refine_ls_shell.pdbx_total_number_of_bins_used   20 
_refine_ls_shell.pdbx_phase_error                 ? 
_refine_ls_shell.pdbx_fsc_work                    ? 
_refine_ls_shell.pdbx_fsc_free                    ? 
# 
_struct.entry_id                     6SBW 
_struct.title                        'CdbA Form One' 
_struct.pdbx_model_details           ? 
_struct.pdbx_formula_weight          ? 
_struct.pdbx_formula_weight_method   ? 
_struct.pdbx_model_type_details      ? 
_struct.pdbx_CASP_flag               N 
# 
_struct_keywords.entry_id        6SBW 
_struct_keywords.text            'nucleoid ribbon-helix-helix, DNA BINDING PROTEIN' 
_struct_keywords.pdbx_keywords   'DNA BINDING PROTEIN' 
# 
_struct_asym.id                            A 
_struct_asym.pdbx_blank_PDB_chainid_flag   N 
_struct_asym.pdbx_modified                 N 
_struct_asym.entity_id                     1 
_struct_asym.details                       ? 
# 
_struct_ref.id                         1 
_struct_ref.db_name                    UNP 
_struct_ref.db_code                    Q1D489_MYXXD 
_struct_ref.pdbx_db_accession          Q1D489 
_struct_ref.pdbx_db_isoform            ? 
_struct_ref.entity_id                  1 
_struct_ref.pdbx_seq_one_letter_code   MAGTDKRKQSLYFPEEMLKEIQEEATRQDRSLSWVVQQAWKIARERIKSFPAVNDVTGDERQDPREE 
_struct_ref.pdbx_align_begin           52 
# 
_struct_ref_seq.align_id                      1 
_struct_ref_seq.ref_id                        1 
_struct_ref_seq.pdbx_PDB_id_code              6SBW 
_struct_ref_seq.pdbx_strand_id                A 
_struct_ref_seq.seq_align_beg                 1 
_struct_ref_seq.pdbx_seq_align_beg_ins_code   ? 
_struct_ref_seq.seq_align_end                 67 
_struct_ref_seq.pdbx_seq_align_end_ins_code   ? 
_struct_ref_seq.pdbx_db_accession             Q1D489 
_struct_ref_seq.db_align_beg                  52 
_struct_ref_seq.pdbx_db_align_beg_ins_code    ? 
_struct_ref_seq.db_align_end                  118 
_struct_ref_seq.pdbx_db_align_end_ins_code    ? 
_struct_ref_seq.pdbx_auth_seq_align_beg       1 
_struct_ref_seq.pdbx_auth_seq_align_end       67 
# 
_pdbx_struct_assembly.id                   1 
_pdbx_struct_assembly.details              author_and_software_defined_assembly 
_pdbx_struct_assembly.method_details       PISA 
_pdbx_struct_assembly.oligomeric_details   dimeric 
_pdbx_struct_assembly.oligomeric_count     2 
# 
loop_
_pdbx_struct_assembly_prop.biol_id 
_pdbx_struct_assembly_prop.type 
_pdbx_struct_assembly_prop.value 
_pdbx_struct_assembly_prop.details 
1 'ABSA (A^2)' 4110 ? 
1 MORE         -29  ? 
1 'SSA (A^2)'  5990 ? 
# 
_pdbx_struct_assembly_gen.assembly_id       1 
_pdbx_struct_assembly_gen.oper_expression   1,2 
_pdbx_struct_assembly_gen.asym_id_list      A 
# 
_pdbx_struct_assembly_auth_evidence.id                     1 
_pdbx_struct_assembly_auth_evidence.assembly_id            1 
_pdbx_struct_assembly_auth_evidence.experimental_support   'gel filtration' 
_pdbx_struct_assembly_auth_evidence.details                ? 
# 
loop_
_pdbx_struct_oper_list.id 
_pdbx_struct_oper_list.type 
_pdbx_struct_oper_list.name 
_pdbx_struct_oper_list.symmetry_operation 
_pdbx_struct_oper_list.matrix[1][1] 
_pdbx_struct_oper_list.matrix[1][2] 
_pdbx_struct_oper_list.matrix[1][3] 
_pdbx_struct_oper_list.vector[1] 
_pdbx_struct_oper_list.matrix[2][1] 
_pdbx_struct_oper_list.matrix[2][2] 
_pdbx_struct_oper_list.matrix[2][3] 
_pdbx_struct_oper_list.vector[2] 
_pdbx_struct_oper_list.matrix[3][1] 
_pdbx_struct_oper_list.matrix[3][2] 
_pdbx_struct_oper_list.matrix[3][3] 
_pdbx_struct_oper_list.vector[3] 
1 'identity operation'         1_555 x,y,z           1.0000000000 0.0000000000 0.0000000000 0.0000000000 0.0000000000 1.0000000000  0.0000000000 0.0000000000  0.0000000000 0.0000000000 1.0000000000  0.0000000000 
2 'crystal symmetry operation' 5_554 -x+1/2,y,-z-1/4 0.5136992103 0.8578838773 0.0121809047 0.6182252699 0.8578838773 -0.5137972313 0.0069034863 -1.1557435426 0.0121809047 0.0069034863 -0.9999019789 4.5716348531 
# 
loop_
_struct_conf.conf_type_id 
_struct_conf.id 
_struct_conf.pdbx_PDB_helix_id 
_struct_conf.beg_label_comp_id 
_struct_conf.beg_label_asym_id 
_struct_conf.beg_label_seq_id 
_struct_conf.pdbx_beg_PDB_ins_code 
_struct_conf.end_label_comp_id 
_struct_conf.end_label_asym_id 
_struct_conf.end_label_seq_id 
_struct_conf.pdbx_end_PDB_ins_code 
_struct_conf.beg_auth_comp_id 
_struct_conf.beg_auth_asym_id 
_struct_conf.beg_auth_seq_id 
_struct_conf.end_auth_comp_id 
_struct_conf.end_auth_asym_id 
_struct_conf.end_auth_seq_id 
_struct_conf.pdbx_PDB_helix_class 
_struct_conf.details 
_struct_conf.pdbx_PDB_helix_length 
HELX_P HELX_P1 AA1 PRO A 14 ? GLN A 28 ? PRO A 14 GLN A 28 1 ? 15 
HELX_P HELX_P2 AA2 SER A 31 ? SER A 49 ? SER A 31 SER A 49 1 ? 19 
# 
_struct_conf_type.id          HELX_P 
_struct_conf_type.criteria    ? 
_struct_conf_type.reference   ? 
# 
loop_
_pdbx_validate_torsion.id 
_pdbx_validate_torsion.PDB_model_num 
_pdbx_validate_torsion.auth_comp_id 
_pdbx_validate_torsion.auth_asym_id 
_pdbx_validate_torsion.auth_seq_id 
_pdbx_validate_torsion.PDB_ins_code 
_pdbx_validate_torsion.label_alt_id 
_pdbx_validate_torsion.phi 
_pdbx_validate_torsion.psi 
1 1 ARG A 44 ? ? -29.42 -60.85 
2 1 PRO A 51 ? ? -93.36 -76.29 
# 
_pdbx_refine_tls.id               1 
_pdbx_refine_tls.pdbx_refine_id   'X-RAY DIFFRACTION' 
_pdbx_refine_tls.details          ? 
_pdbx_refine_tls.method           refined 
_pdbx_refine_tls.origin_x         -0.0522 
_pdbx_refine_tls.origin_y         0.3853 
_pdbx_refine_tls.origin_z         -0.0988 
_pdbx_refine_tls.T[1][1]          0.0756 
_pdbx_refine_tls.T[1][1]_esd      ? 
_pdbx_refine_tls.T[1][2]          -0.0393 
_pdbx_refine_tls.T[1][2]_esd      ? 
_pdbx_refine_tls.T[1][3]          -0.0360 
_pdbx_refine_tls.T[1][3]_esd      ? 
_pdbx_refine_tls.T[2][2]          0.1122 
_pdbx_refine_tls.T[2][2]_esd      ? 
_pdbx_refine_tls.T[2][3]          0.0272 
_pdbx_refine_tls.T[2][3]_esd      ? 
_pdbx_refine_tls.T[3][3]          0.0580 
_pdbx_refine_tls.T[3][3]_esd      ? 
_pdbx_refine_tls.L[1][1]          5.9862 
_pdbx_refine_tls.L[1][1]_esd      ? 
_pdbx_refine_tls.L[1][2]          -0.2518 
_pdbx_refine_tls.L[1][2]_esd      ? 
_pdbx_refine_tls.L[1][3]          2.2467 
_pdbx_refine_tls.L[1][3]_esd      ? 
_pdbx_refine_tls.L[2][2]          8.7012 
_pdbx_refine_tls.L[2][2]_esd      ? 
_pdbx_refine_tls.L[2][3]          -5.5835 
_pdbx_refine_tls.L[2][3]_esd      ? 
_pdbx_refine_tls.L[3][3]          12.9599 
_pdbx_refine_tls.L[3][3]_esd      ? 
_pdbx_refine_tls.S[1][1]          0.3197 
_pdbx_refine_tls.S[1][1]_esd      ? 
_pdbx_refine_tls.S[1][2]          -0.1737 
_pdbx_refine_tls.S[1][2]_esd      ? 
_pdbx_refine_tls.S[1][3]          -0.2149 
_pdbx_refine_tls.S[1][3]_esd      ? 
_pdbx_refine_tls.S[2][1]          -0.0531 
_pdbx_refine_tls.S[2][1]_esd      ? 
_pdbx_refine_tls.S[2][2]          0.3314 
_pdbx_refine_tls.S[2][2]_esd      ? 
_pdbx_refine_tls.S[2][3]          0.1262 
_pdbx_refine_tls.S[2][3]_esd      ? 
_pdbx_refine_tls.S[3][1]          0.1900 
_pdbx_refine_tls.S[3][1]_esd      ? 
_pdbx_refine_tls.S[3][2]          0.1169 
_pdbx_refine_tls.S[3][2]_esd      ? 
_pdbx_refine_tls.S[3][3]          -0.6511 
_pdbx_refine_tls.S[3][3]_esd      ? 
# 
_pdbx_refine_tls_group.id                  1 
_pdbx_refine_tls_group.pdbx_refine_id      'X-RAY DIFFRACTION' 
_pdbx_refine_tls_group.refine_tls_id       1 
_pdbx_refine_tls_group.beg_label_asym_id   ? 
_pdbx_refine_tls_group.beg_label_seq_id    ? 
_pdbx_refine_tls_group.beg_auth_asym_id    A 
_pdbx_refine_tls_group.beg_auth_seq_id     5 
_pdbx_refine_tls_group.end_label_asym_id   ? 
_pdbx_refine_tls_group.end_label_seq_id    ? 
_pdbx_refine_tls_group.end_auth_asym_id    A 
_pdbx_refine_tls_group.end_auth_seq_id     51 
_pdbx_refine_tls_group.selection           ? 
_pdbx_refine_tls_group.selection_details   ? 
# 
_phasing.method   SAD 
# 
loop_
_pdbx_unobs_or_zero_occ_residues.id 
_pdbx_unobs_or_zero_occ_residues.PDB_model_num 
_pdbx_unobs_or_zero_occ_residues.polymer_flag 
_pdbx_unobs_or_zero_occ_residues.occupancy_flag 
_pdbx_unobs_or_zero_occ_residues.auth_asym_id 
_pdbx_unobs_or_zero_occ_residues.auth_comp_id 
_pdbx_unobs_or_zero_occ_residues.auth_seq_id 
_pdbx_unobs_or_zero_occ_residues.PDB_ins_code 
_pdbx_unobs_or_zero_occ_residues.label_asym_id 
_pdbx_unobs_or_zero_occ_residues.label_comp_id 
_pdbx_unobs_or_zero_occ_residues.label_seq_id 
1  1 Y 1 A MET 1  ? A MET 1  
2  1 Y 1 A ALA 2  ? A ALA 2  
3  1 Y 1 A GLY 3  ? A GLY 3  
4  1 Y 1 A THR 4  ? A THR 4  
5  1 Y 1 A VAL 53 ? A VAL 53 
6  1 Y 1 A ASN 54 ? A ASN 54 
7  1 Y 1 A ASP 55 ? A ASP 55 
8  1 Y 1 A VAL 56 ? A VAL 56 
9  1 Y 1 A THR 57 ? A THR 57 
10 1 Y 1 A GLY 58 ? A GLY 58 
11 1 Y 1 A ASP 59 ? A ASP 59 
12 1 Y 1 A GLU 60 ? A GLU 60 
13 1 Y 1 A ARG 61 ? A ARG 61 
14 1 Y 1 A GLN 62 ? A GLN 62 
15 1 Y 1 A ASP 63 ? A ASP 63 
16 1 Y 1 A PRO 64 ? A PRO 64 
17 1 Y 1 A ARG 65 ? A ARG 65 
18 1 Y 1 A GLU 66 ? A GLU 66 
19 1 Y 1 A GLU 67 ? A GLU 67 
# 
loop_
_chem_comp_atom.comp_id 
_chem_comp_atom.atom_id 
_chem_comp_atom.type_symbol 
_chem_comp_atom.pdbx_aromatic_flag 
_chem_comp_atom.pdbx_stereo_config 
_chem_comp_atom.pdbx_ordinal 
ALA N    N N N 1   
ALA CA   C N S 2   
ALA C    C N N 3   
ALA O    O N N 4   
ALA CB   C N N 5   
ALA OXT  O N N 6   
ALA H    H N N 7   
ALA H2   H N N 8   
ALA HA   H N N 9   
ALA HB1  H N N 10  
ALA HB2  H N N 11  
ALA HB3  H N N 12  
ALA HXT  H N N 13  
ARG N    N N N 14  
ARG CA   C N S 15  
ARG C    C N N 16  
ARG O    O N N 17  
ARG CB   C N N 18  
ARG CG   C N N 19  
ARG CD   C N N 20  
ARG NE   N N N 21  
ARG CZ   C N N 22  
ARG NH1  N N N 23  
ARG NH2  N N N 24  
ARG OXT  O N N 25  
ARG H    H N N 26  
ARG H2   H N N 27  
ARG HA   H N N 28  
ARG HB2  H N N 29  
ARG HB3  H N N 30  
ARG HG2  H N N 31  
ARG HG3  H N N 32  
ARG HD2  H N N 33  
ARG HD3  H N N 34  
ARG HE   H N N 35  
ARG HH11 H N N 36  
ARG HH12 H N N 37  
ARG HH21 H N N 38  
ARG HH22 H N N 39  
ARG HXT  H N N 40  
ASN N    N N N 41  
ASN CA   C N S 42  
ASN C    C N N 43  
ASN O    O N N 44  
ASN CB   C N N 45  
ASN CG   C N N 46  
ASN OD1  O N N 47  
ASN ND2  N N N 48  
ASN OXT  O N N 49  
ASN H    H N N 50  
ASN H2   H N N 51  
ASN HA   H N N 52  
ASN HB2  H N N 53  
ASN HB3  H N N 54  
ASN HD21 H N N 55  
ASN HD22 H N N 56  
ASN HXT  H N N 57  
ASP N    N N N 58  
ASP CA   C N S 59  
ASP C    C N N 60  
ASP O    O N N 61  
ASP CB   C N N 62  
ASP CG   C N N 63  
ASP OD1  O N N 64  
ASP OD2  O N N 65  
ASP OXT  O N N 66  
ASP H    H N N 67  
ASP H2   H N N 68  
ASP HA   H N N 69  
ASP HB2  H N N 70  
ASP HB3  H N N 71  
ASP HD2  H N N 72  
ASP HXT  H N N 73  
GLN N    N N N 74  
GLN CA   C N S 75  
GLN C    C N N 76  
GLN O    O N N 77  
GLN CB   C N N 78  
GLN CG   C N N 79  
GLN CD   C N N 80  
GLN OE1  O N N 81  
GLN NE2  N N N 82  
GLN OXT  O N N 83  
GLN H    H N N 84  
GLN H2   H N N 85  
GLN HA   H N N 86  
GLN HB2  H N N 87  
GLN HB3  H N N 88  
GLN HG2  H N N 89  
GLN HG3  H N N 90  
GLN HE21 H N N 91  
GLN HE22 H N N 92  
GLN HXT  H N N 93  
GLU N    N N N 94  
GLU CA   C N S 95  
GLU C    C N N 96  
GLU O    O N N 97  
GLU CB   C N N 98  
GLU CG   C N N 99  
GLU CD   C N N 100 
GLU OE1  O N N 101 
GLU OE2  O N N 102 
GLU OXT  O N N 103 
GLU H    H N N 104 
GLU H2   H N N 105 
GLU HA   H N N 106 
GLU HB2  H N N 107 
GLU HB3  H N N 108 
GLU HG2  H N N 109 
GLU HG3  H N N 110 
GLU HE2  H N N 111 
GLU HXT  H N N 112 
GLY N    N N N 113 
GLY CA   C N N 114 
GLY C    C N N 115 
GLY O    O N N 116 
GLY OXT  O N N 117 
GLY H    H N N 118 
GLY H2   H N N 119 
GLY HA2  H N N 120 
GLY HA3  H N N 121 
GLY HXT  H N N 122 
ILE N    N N N 123 
ILE CA   C N S 124 
ILE C    C N N 125 
ILE O    O N N 126 
ILE CB   C N S 127 
ILE CG1  C N N 128 
ILE CG2  C N N 129 
ILE CD1  C N N 130 
ILE OXT  O N N 131 
ILE H    H N N 132 
ILE H2   H N N 133 
ILE HA   H N N 134 
ILE HB   H N N 135 
ILE HG12 H N N 136 
ILE HG13 H N N 137 
ILE HG21 H N N 138 
ILE HG22 H N N 139 
ILE HG23 H N N 140 
ILE HD11 H N N 141 
ILE HD12 H N N 142 
ILE HD13 H N N 143 
ILE HXT  H N N 144 
LEU N    N N N 145 
LEU CA   C N S 146 
LEU C    C N N 147 
LEU O    O N N 148 
LEU CB   C N N 149 
LEU CG   C N N 150 
LEU CD1  C N N 151 
LEU CD2  C N N 152 
LEU OXT  O N N 153 
LEU H    H N N 154 
LEU H2   H N N 155 
LEU HA   H N N 156 
LEU HB2  H N N 157 
LEU HB3  H N N 158 
LEU HG   H N N 159 
LEU HD11 H N N 160 
LEU HD12 H N N 161 
LEU HD13 H N N 162 
LEU HD21 H N N 163 
LEU HD22 H N N 164 
LEU HD23 H N N 165 
LEU HXT  H N N 166 
LYS N    N N N 167 
LYS CA   C N S 168 
LYS C    C N N 169 
LYS O    O N N 170 
LYS CB   C N N 171 
LYS CG   C N N 172 
LYS CD   C N N 173 
LYS CE   C N N 174 
LYS NZ   N N N 175 
LYS OXT  O N N 176 
LYS H    H N N 177 
LYS H2   H N N 178 
LYS HA   H N N 179 
LYS HB2  H N N 180 
LYS HB3  H N N 181 
LYS HG2  H N N 182 
LYS HG3  H N N 183 
LYS HD2  H N N 184 
LYS HD3  H N N 185 
LYS HE2  H N N 186 
LYS HE3  H N N 187 
LYS HZ1  H N N 188 
LYS HZ2  H N N 189 
LYS HZ3  H N N 190 
LYS HXT  H N N 191 
MET N    N N N 192 
MET CA   C N S 193 
MET C    C N N 194 
MET O    O N N 195 
MET CB   C N N 196 
MET CG   C N N 197 
MET SD   S N N 198 
MET CE   C N N 199 
MET OXT  O N N 200 
MET H    H N N 201 
MET H2   H N N 202 
MET HA   H N N 203 
MET HB2  H N N 204 
MET HB3  H N N 205 
MET HG2  H N N 206 
MET HG3  H N N 207 
MET HE1  H N N 208 
MET HE2  H N N 209 
MET HE3  H N N 210 
MET HXT  H N N 211 
PHE N    N N N 212 
PHE CA   C N S 213 
PHE C    C N N 214 
PHE O    O N N 215 
PHE CB   C N N 216 
PHE CG   C Y N 217 
PHE CD1  C Y N 218 
PHE CD2  C Y N 219 
PHE CE1  C Y N 220 
PHE CE2  C Y N 221 
PHE CZ   C Y N 222 
PHE OXT  O N N 223 
PHE H    H N N 224 
PHE H2   H N N 225 
PHE HA   H N N 226 
PHE HB2  H N N 227 
PHE HB3  H N N 228 
PHE HD1  H N N 229 
PHE HD2  H N N 230 
PHE HE1  H N N 231 
PHE HE2  H N N 232 
PHE HZ   H N N 233 
PHE HXT  H N N 234 
PRO N    N N N 235 
PRO CA   C N S 236 
PRO C    C N N 237 
PRO O    O N N 238 
PRO CB   C N N 239 
PRO CG   C N N 240 
PRO CD   C N N 241 
PRO OXT  O N N 242 
PRO H    H N N 243 
PRO HA   H N N 244 
PRO HB2  H N N 245 
PRO HB3  H N N 246 
PRO HG2  H N N 247 
PRO HG3  H N N 248 
PRO HD2  H N N 249 
PRO HD3  H N N 250 
PRO HXT  H N N 251 
SER N    N N N 252 
SER CA   C N S 253 
SER C    C N N 254 
SER O    O N N 255 
SER CB   C N N 256 
SER OG   O N N 257 
SER OXT  O N N 258 
SER H    H N N 259 
SER H2   H N N 260 
SER HA   H N N 261 
SER HB2  H N N 262 
SER HB3  H N N 263 
SER HG   H N N 264 
SER HXT  H N N 265 
THR N    N N N 266 
THR CA   C N S 267 
THR C    C N N 268 
THR O    O N N 269 
THR CB   C N R 270 
THR OG1  O N N 271 
THR CG2  C N N 272 
THR OXT  O N N 273 
THR H    H N N 274 
THR H2   H N N 275 
THR HA   H N N 276 
THR HB   H N N 277 
THR HG1  H N N 278 
THR HG21 H N N 279 
THR HG22 H N N 280 
THR HG23 H N N 281 
THR HXT  H N N 282 
TRP N    N N N 283 
TRP CA   C N S 284 
TRP C    C N N 285 
TRP O    O N N 286 
TRP CB   C N N 287 
TRP CG   C Y N 288 
TRP CD1  C Y N 289 
TRP CD2  C Y N 290 
TRP NE1  N Y N 291 
TRP CE2  C Y N 292 
TRP CE3  C Y N 293 
TRP CZ2  C Y N 294 
TRP CZ3  C Y N 295 
TRP CH2  C Y N 296 
TRP OXT  O N N 297 
TRP H    H N N 298 
TRP H2   H N N 299 
TRP HA   H N N 300 
TRP HB2  H N N 301 
TRP HB3  H N N 302 
TRP HD1  H N N 303 
TRP HE1  H N N 304 
TRP HE3  H N N 305 
TRP HZ2  H N N 306 
TRP HZ3  H N N 307 
TRP HH2  H N N 308 
TRP HXT  H N N 309 
TYR N    N N N 310 
TYR CA   C N S 311 
TYR C    C N N 312 
TYR O    O N N 313 
TYR CB   C N N 314 
TYR CG   C Y N 315 
TYR CD1  C Y N 316 
TYR CD2  C Y N 317 
TYR CE1  C Y N 318 
TYR CE2  C Y N 319 
TYR CZ   C Y N 320 
TYR OH   O N N 321 
TYR OXT  O N N 322 
TYR H    H N N 323 
TYR H2   H N N 324 
TYR HA   H N N 325 
TYR HB2  H N N 326 
TYR HB3  H N N 327 
TYR HD1  H N N 328 
TYR HD2  H N N 329 
TYR HE1  H N N 330 
TYR HE2  H N N 331 
TYR HH   H N N 332 
TYR HXT  H N N 333 
VAL N    N N N 334 
VAL CA   C N S 335 
VAL C    C N N 336 
VAL O    O N N 337 
VAL CB   C N N 338 
VAL CG1  C N N 339 
VAL CG2  C N N 340 
VAL OXT  O N N 341 
VAL H    H N N 342 
VAL H2   H N N 343 
VAL HA   H N N 344 
VAL HB   H N N 345 
VAL HG11 H N N 346 
VAL HG12 H N N 347 
VAL HG13 H N N 348 
VAL HG21 H N N 349 
VAL HG22 H N N 350 
VAL HG23 H N N 351 
VAL HXT  H N N 352 
# 
loop_
_chem_comp_bond.comp_id 
_chem_comp_bond.atom_id_1 
_chem_comp_bond.atom_id_2 
_chem_comp_bond.value_order 
_chem_comp_bond.pdbx_aromatic_flag 
_chem_comp_bond.pdbx_stereo_config 
_chem_comp_bond.pdbx_ordinal 
ALA N   CA   sing N N 1   
ALA N   H    sing N N 2   
ALA N   H2   sing N N 3   
ALA CA  C    sing N N 4   
ALA CA  CB   sing N N 5   
ALA CA  HA   sing N N 6   
ALA C   O    doub N N 7   
ALA C   OXT  sing N N 8   
ALA CB  HB1  sing N N 9   
ALA CB  HB2  sing N N 10  
ALA CB  HB3  sing N N 11  
ALA OXT HXT  sing N N 12  
ARG N   CA   sing N N 13  
ARG N   H    sing N N 14  
ARG N   H2   sing N N 15  
ARG CA  C    sing N N 16  
ARG CA  CB   sing N N 17  
ARG CA  HA   sing N N 18  
ARG C   O    doub N N 19  
ARG C   OXT  sing N N 20  
ARG CB  CG   sing N N 21  
ARG CB  HB2  sing N N 22  
ARG CB  HB3  sing N N 23  
ARG CG  CD   sing N N 24  
ARG CG  HG2  sing N N 25  
ARG CG  HG3  sing N N 26  
ARG CD  NE   sing N N 27  
ARG CD  HD2  sing N N 28  
ARG CD  HD3  sing N N 29  
ARG NE  CZ   sing N N 30  
ARG NE  HE   sing N N 31  
ARG CZ  NH1  sing N N 32  
ARG CZ  NH2  doub N N 33  
ARG NH1 HH11 sing N N 34  
ARG NH1 HH12 sing N N 35  
ARG NH2 HH21 sing N N 36  
ARG NH2 HH22 sing N N 37  
ARG OXT HXT  sing N N 38  
ASN N   CA   sing N N 39  
ASN N   H    sing N N 40  
ASN N   H2   sing N N 41  
ASN CA  C    sing N N 42  
ASN CA  CB   sing N N 43  
ASN CA  HA   sing N N 44  
ASN C   O    doub N N 45  
ASN C   OXT  sing N N 46  
ASN CB  CG   sing N N 47  
ASN CB  HB2  sing N N 48  
ASN CB  HB3  sing N N 49  
ASN CG  OD1  doub N N 50  
ASN CG  ND2  sing N N 51  
ASN ND2 HD21 sing N N 52  
ASN ND2 HD22 sing N N 53  
ASN OXT HXT  sing N N 54  
ASP N   CA   sing N N 55  
ASP N   H    sing N N 56  
ASP N   H2   sing N N 57  
ASP CA  C    sing N N 58  
ASP CA  CB   sing N N 59  
ASP CA  HA   sing N N 60  
ASP C   O    doub N N 61  
ASP C   OXT  sing N N 62  
ASP CB  CG   sing N N 63  
ASP CB  HB2  sing N N 64  
ASP CB  HB3  sing N N 65  
ASP CG  OD1  doub N N 66  
ASP CG  OD2  sing N N 67  
ASP OD2 HD2  sing N N 68  
ASP OXT HXT  sing N N 69  
GLN N   CA   sing N N 70  
GLN N   H    sing N N 71  
GLN N   H2   sing N N 72  
GLN CA  C    sing N N 73  
GLN CA  CB   sing N N 74  
GLN CA  HA   sing N N 75  
GLN C   O    doub N N 76  
GLN C   OXT  sing N N 77  
GLN CB  CG   sing N N 78  
GLN CB  HB2  sing N N 79  
GLN CB  HB3  sing N N 80  
GLN CG  CD   sing N N 81  
GLN CG  HG2  sing N N 82  
GLN CG  HG3  sing N N 83  
GLN CD  OE1  doub N N 84  
GLN CD  NE2  sing N N 85  
GLN NE2 HE21 sing N N 86  
GLN NE2 HE22 sing N N 87  
GLN OXT HXT  sing N N 88  
GLU N   CA   sing N N 89  
GLU N   H    sing N N 90  
GLU N   H2   sing N N 91  
GLU CA  C    sing N N 92  
GLU CA  CB   sing N N 93  
GLU CA  HA   sing N N 94  
GLU C   O    doub N N 95  
GLU C   OXT  sing N N 96  
GLU CB  CG   sing N N 97  
GLU CB  HB2  sing N N 98  
GLU CB  HB3  sing N N 99  
GLU CG  CD   sing N N 100 
GLU CG  HG2  sing N N 101 
GLU CG  HG3  sing N N 102 
GLU CD  OE1  doub N N 103 
GLU CD  OE2  sing N N 104 
GLU OE2 HE2  sing N N 105 
GLU OXT HXT  sing N N 106 
GLY N   CA   sing N N 107 
GLY N   H    sing N N 108 
GLY N   H2   sing N N 109 
GLY CA  C    sing N N 110 
GLY CA  HA2  sing N N 111 
GLY CA  HA3  sing N N 112 
GLY C   O    doub N N 113 
GLY C   OXT  sing N N 114 
GLY OXT HXT  sing N N 115 
ILE N   CA   sing N N 116 
ILE N   H    sing N N 117 
ILE N   H2   sing N N 118 
ILE CA  C    sing N N 119 
ILE CA  CB   sing N N 120 
ILE CA  HA   sing N N 121 
ILE C   O    doub N N 122 
ILE C   OXT  sing N N 123 
ILE CB  CG1  sing N N 124 
ILE CB  CG2  sing N N 125 
ILE CB  HB   sing N N 126 
ILE CG1 CD1  sing N N 127 
ILE CG1 HG12 sing N N 128 
ILE CG1 HG13 sing N N 129 
ILE CG2 HG21 sing N N 130 
ILE CG2 HG22 sing N N 131 
ILE CG2 HG23 sing N N 132 
ILE CD1 HD11 sing N N 133 
ILE CD1 HD12 sing N N 134 
ILE CD1 HD13 sing N N 135 
ILE OXT HXT  sing N N 136 
LEU N   CA   sing N N 137 
LEU N   H    sing N N 138 
LEU N   H2   sing N N 139 
LEU CA  C    sing N N 140 
LEU CA  CB   sing N N 141 
LEU CA  HA   sing N N 142 
LEU C   O    doub N N 143 
LEU C   OXT  sing N N 144 
LEU CB  CG   sing N N 145 
LEU CB  HB2  sing N N 146 
LEU CB  HB3  sing N N 147 
LEU CG  CD1  sing N N 148 
LEU CG  CD2  sing N N 149 
LEU CG  HG   sing N N 150 
LEU CD1 HD11 sing N N 151 
LEU CD1 HD12 sing N N 152 
LEU CD1 HD13 sing N N 153 
LEU CD2 HD21 sing N N 154 
LEU CD2 HD22 sing N N 155 
LEU CD2 HD23 sing N N 156 
LEU OXT HXT  sing N N 157 
LYS N   CA   sing N N 158 
LYS N   H    sing N N 159 
LYS N   H2   sing N N 160 
LYS CA  C    sing N N 161 
LYS CA  CB   sing N N 162 
LYS CA  HA   sing N N 163 
LYS C   O    doub N N 164 
LYS C   OXT  sing N N 165 
LYS CB  CG   sing N N 166 
LYS CB  HB2  sing N N 167 
LYS CB  HB3  sing N N 168 
LYS CG  CD   sing N N 169 
LYS CG  HG2  sing N N 170 
LYS CG  HG3  sing N N 171 
LYS CD  CE   sing N N 172 
LYS CD  HD2  sing N N 173 
LYS CD  HD3  sing N N 174 
LYS CE  NZ   sing N N 175 
LYS CE  HE2  sing N N 176 
LYS CE  HE3  sing N N 177 
LYS NZ  HZ1  sing N N 178 
LYS NZ  HZ2  sing N N 179 
LYS NZ  HZ3  sing N N 180 
LYS OXT HXT  sing N N 181 
MET N   CA   sing N N 182 
MET N   H    sing N N 183 
MET N   H2   sing N N 184 
MET CA  C    sing N N 185 
MET CA  CB   sing N N 186 
MET CA  HA   sing N N 187 
MET C   O    doub N N 188 
MET C   OXT  sing N N 189 
MET CB  CG   sing N N 190 
MET CB  HB2  sing N N 191 
MET CB  HB3  sing N N 192 
MET CG  SD   sing N N 193 
MET CG  HG2  sing N N 194 
MET CG  HG3  sing N N 195 
MET SD  CE   sing N N 196 
MET CE  HE1  sing N N 197 
MET CE  HE2  sing N N 198 
MET CE  HE3  sing N N 199 
MET OXT HXT  sing N N 200 
PHE N   CA   sing N N 201 
PHE N   H    sing N N 202 
PHE N   H2   sing N N 203 
PHE CA  C    sing N N 204 
PHE CA  CB   sing N N 205 
PHE CA  HA   sing N N 206 
PHE C   O    doub N N 207 
PHE C   OXT  sing N N 208 
PHE CB  CG   sing N N 209 
PHE CB  HB2  sing N N 210 
PHE CB  HB3  sing N N 211 
PHE CG  CD1  doub Y N 212 
PHE CG  CD2  sing Y N 213 
PHE CD1 CE1  sing Y N 214 
PHE CD1 HD1  sing N N 215 
PHE CD2 CE2  doub Y N 216 
PHE CD2 HD2  sing N N 217 
PHE CE1 CZ   doub Y N 218 
PHE CE1 HE1  sing N N 219 
PHE CE2 CZ   sing Y N 220 
PHE CE2 HE2  sing N N 221 
PHE CZ  HZ   sing N N 222 
PHE OXT HXT  sing N N 223 
PRO N   CA   sing N N 224 
PRO N   CD   sing N N 225 
PRO N   H    sing N N 226 
PRO CA  C    sing N N 227 
PRO CA  CB   sing N N 228 
PRO CA  HA   sing N N 229 
PRO C   O    doub N N 230 
PRO C   OXT  sing N N 231 
PRO CB  CG   sing N N 232 
PRO CB  HB2  sing N N 233 
PRO CB  HB3  sing N N 234 
PRO CG  CD   sing N N 235 
PRO CG  HG2  sing N N 236 
PRO CG  HG3  sing N N 237 
PRO CD  HD2  sing N N 238 
PRO CD  HD3  sing N N 239 
PRO OXT HXT  sing N N 240 
SER N   CA   sing N N 241 
SER N   H    sing N N 242 
SER N   H2   sing N N 243 
SER CA  C    sing N N 244 
SER CA  CB   sing N N 245 
SER CA  HA   sing N N 246 
SER C   O    doub N N 247 
SER C   OXT  sing N N 248 
SER CB  OG   sing N N 249 
SER CB  HB2  sing N N 250 
SER CB  HB3  sing N N 251 
SER OG  HG   sing N N 252 
SER OXT HXT  sing N N 253 
THR N   CA   sing N N 254 
THR N   H    sing N N 255 
THR N   H2   sing N N 256 
THR CA  C    sing N N 257 
THR CA  CB   sing N N 258 
THR CA  HA   sing N N 259 
THR C   O    doub N N 260 
THR C   OXT  sing N N 261 
THR CB  OG1  sing N N 262 
THR CB  CG2  sing N N 263 
THR CB  HB   sing N N 264 
THR OG1 HG1  sing N N 265 
THR CG2 HG21 sing N N 266 
THR CG2 HG22 sing N N 267 
THR CG2 HG23 sing N N 268 
THR OXT HXT  sing N N 269 
TRP N   CA   sing N N 270 
TRP N   H    sing N N 271 
TRP N   H2   sing N N 272 
TRP CA  C    sing N N 273 
TRP CA  CB   sing N N 274 
TRP CA  HA   sing N N 275 
TRP C   O    doub N N 276 
TRP C   OXT  sing N N 277 
TRP CB  CG   sing N N 278 
TRP CB  HB2  sing N N 279 
TRP CB  HB3  sing N N 280 
TRP CG  CD1  doub Y N 281 
TRP CG  CD2  sing Y N 282 
TRP CD1 NE1  sing Y N 283 
TRP CD1 HD1  sing N N 284 
TRP CD2 CE2  doub Y N 285 
TRP CD2 CE3  sing Y N 286 
TRP NE1 CE2  sing Y N 287 
TRP NE1 HE1  sing N N 288 
TRP CE2 CZ2  sing Y N 289 
TRP CE3 CZ3  doub Y N 290 
TRP CE3 HE3  sing N N 291 
TRP CZ2 CH2  doub Y N 292 
TRP CZ2 HZ2  sing N N 293 
TRP CZ3 CH2  sing Y N 294 
TRP CZ3 HZ3  sing N N 295 
TRP CH2 HH2  sing N N 296 
TRP OXT HXT  sing N N 297 
TYR N   CA   sing N N 298 
TYR N   H    sing N N 299 
TYR N   H2   sing N N 300 
TYR CA  C    sing N N 301 
TYR CA  CB   sing N N 302 
TYR CA  HA   sing N N 303 
TYR C   O    doub N N 304 
TYR C   OXT  sing N N 305 
TYR CB  CG   sing N N 306 
TYR CB  HB2  sing N N 307 
TYR CB  HB3  sing N N 308 
TYR CG  CD1  doub Y N 309 
TYR CG  CD2  sing Y N 310 
TYR CD1 CE1  sing Y N 311 
TYR CD1 HD1  sing N N 312 
TYR CD2 CE2  doub Y N 313 
TYR CD2 HD2  sing N N 314 
TYR CE1 CZ   doub Y N 315 
TYR CE1 HE1  sing N N 316 
TYR CE2 CZ   sing Y N 317 
TYR CE2 HE2  sing N N 318 
TYR CZ  OH   sing N N 319 
TYR OH  HH   sing N N 320 
TYR OXT HXT  sing N N 321 
VAL N   CA   sing N N 322 
VAL N   H    sing N N 323 
VAL N   H2   sing N N 324 
VAL CA  C    sing N N 325 
VAL CA  CB   sing N N 326 
VAL CA  HA   sing N N 327 
VAL C   O    doub N N 328 
VAL C   OXT  sing N N 329 
VAL CB  CG1  sing N N 330 
VAL CB  CG2  sing N N 331 
VAL CB  HB   sing N N 332 
VAL CG1 HG11 sing N N 333 
VAL CG1 HG12 sing N N 334 
VAL CG1 HG13 sing N N 335 
VAL CG2 HG21 sing N N 336 
VAL CG2 HG22 sing N N 337 
VAL CG2 HG23 sing N N 338 
VAL OXT HXT  sing N N 339 
# 
_atom_sites.entry_id                    6SBW 
_atom_sites.Cartn_transf_matrix[1][1]   ? 
_atom_sites.Cartn_transf_matrix[1][2]   ? 
_atom_sites.Cartn_transf_matrix[1][3]   ? 
_atom_sites.Cartn_transf_matrix[2][1]   ? 
_atom_sites.Cartn_transf_matrix[2][2]   ? 
_atom_sites.Cartn_transf_matrix[2][3]   ? 
_atom_sites.Cartn_transf_matrix[3][1]   ? 
_atom_sites.Cartn_transf_matrix[3][2]   ? 
_atom_sites.Cartn_transf_matrix[3][3]   ? 
_atom_sites.Cartn_transf_vector[1]      ? 
_atom_sites.Cartn_transf_vector[2]      ? 
_atom_sites.Cartn_transf_vector[3]      ? 
_atom_sites.fract_transf_matrix[1][1]   0.00802113 
_atom_sites.fract_transf_matrix[1][2]   -0.01415162 
_atom_sites.fract_transf_matrix[1][3]   -0.00009251 
_atom_sites.fract_transf_matrix[2][1]   -0.01415182 
_atom_sites.fract_transf_matrix[2][2]   -0.00802050 
_atom_sites.fract_transf_matrix[2][3]   -0.00011388 
_atom_sites.fract_transf_matrix[3][1]   0.00003462 
_atom_sites.fract_transf_matrix[3][2]   0.00008850 
_atom_sites.fract_transf_matrix[3][3]   -0.01053557 
_atom_sites.fract_transf_vector[1]      0.239554 
_atom_sites.fract_transf_vector[2]      -0.052432 
_atom_sites.fract_transf_vector[3]      -0.100880 
_atom_sites.solution_primary            ? 
_atom_sites.solution_secondary          ? 
_atom_sites.solution_hydrogens          ? 
_atom_sites.special_details             ? 
# 
loop_
_atom_type.symbol 
C 
N 
O 
S 
# 
loop_
_atom_site.group_PDB 
_atom_site.id 
_atom_site.type_symbol 
_atom_site.label_atom_id 
_atom_site.label_alt_id 
_atom_site.label_comp_id 
_atom_site.label_asym_id 
_atom_site.label_entity_id 
_atom_site.label_seq_id 
_atom_site.pdbx_PDB_ins_code 
_atom_site.Cartn_x 
_atom_site.Cartn_y 
_atom_site.Cartn_z 
_atom_site.occupancy 
_atom_site.B_iso_or_equiv 
_atom_site.pdbx_formal_charge 
_atom_site.auth_seq_id 
_atom_site.auth_comp_id 
_atom_site.auth_asym_id 
_atom_site.auth_atom_id 
_atom_site.pdbx_PDB_model_num 
ATOM 1   N N   . ASP A 1 5  ? -2.633  16.078  6.113   1.00 139.31 ? 5  ASP A N   1 
ATOM 2   C CA  . ASP A 1 5  ? -1.253  16.597  6.329   1.00 136.61 ? 5  ASP A CA  1 
ATOM 3   C C   . ASP A 1 5  ? -0.251  15.452  6.118   1.00 131.57 ? 5  ASP A C   1 
ATOM 4   O O   . ASP A 1 5  ? -0.269  14.506  6.922   1.00 119.42 ? 5  ASP A O   1 
ATOM 5   C CB  . ASP A 1 5  ? -1.127  17.216  7.721   1.00 132.72 ? 5  ASP A CB  1 
ATOM 6   C CG  . ASP A 1 5  ? -0.126  18.353  7.792   1.00 147.12 ? 5  ASP A CG  1 
ATOM 7   O OD1 . ASP A 1 5  ? 0.746   18.423  6.902   1.00 147.49 ? 5  ASP A OD1 1 
ATOM 8   O OD2 . ASP A 1 5  ? -0.239  19.170  8.734   1.00 139.43 ? 5  ASP A OD2 1 
ATOM 9   N N   . LYS A 1 6  ? 0.600   15.561  5.092   1.00 137.90 ? 6  LYS A N   1 
ATOM 10  C CA  . LYS A 1 6  ? 1.445   14.457  4.550   1.00 115.08 ? 6  LYS A CA  1 
ATOM 11  C C   . LYS A 1 6  ? 2.637   14.175  5.476   1.00 105.33 ? 6  LYS A C   1 
ATOM 12  O O   . LYS A 1 6  ? 2.970   15.058  6.286   1.00 113.72 ? 6  LYS A O   1 
ATOM 13  C CB  . LYS A 1 6  ? 1.945   14.831  3.152   1.00 121.89 ? 6  LYS A CB  1 
ATOM 14  C CG  . LYS A 1 6  ? 2.239   13.655  2.233   1.00 119.02 ? 6  LYS A CG  1 
ATOM 15  C CD  . LYS A 1 6  ? 1.087   13.286  1.321   1.00 121.70 ? 6  LYS A CD  1 
ATOM 16  C CE  . LYS A 1 6  ? 0.813   14.336  0.263   1.00 124.68 ? 6  LYS A CE  1 
ATOM 17  N NZ  . LYS A 1 6  ? 0.494   13.723  -1.047  1.00 106.06 ? 6  LYS A NZ  1 
ATOM 18  N N   . ARG A 1 7  ? 3.244   12.983  5.351   1.00 97.23  ? 7  ARG A N   1 
ATOM 19  C CA  . ARG A 1 7  ? 4.457   12.532  6.095   1.00 94.75  ? 7  ARG A CA  1 
ATOM 20  C C   . ARG A 1 7  ? 5.156   11.394  5.335   1.00 76.65  ? 7  ARG A C   1 
ATOM 21  O O   . ARG A 1 7  ? 4.479   10.424  4.980   1.00 75.53  ? 7  ARG A O   1 
ATOM 22  C CB  . ARG A 1 7  ? 4.089   12.052  7.505   1.00 102.47 ? 7  ARG A CB  1 
ATOM 23  C CG  . ARG A 1 7  ? 4.301   13.078  8.613   1.00 132.12 ? 7  ARG A CG  1 
ATOM 24  C CD  . ARG A 1 7  ? 5.750   13.518  8.768   1.00 136.99 ? 7  ARG A CD  1 
ATOM 25  N NE  . ARG A 1 7  ? 5.948   14.476  9.850   1.00 134.02 ? 7  ARG A NE  1 
ATOM 26  C CZ  . ARG A 1 7  ? 5.611   15.767  9.811   1.00 152.98 ? 7  ARG A CZ  1 
ATOM 27  N NH1 . ARG A 1 7  ? 5.032   16.284  8.739   1.00 150.22 ? 7  ARG A NH1 1 
ATOM 28  N NH2 . ARG A 1 7  ? 5.847   16.542  10.859  1.00 163.66 ? 7  ARG A NH2 1 
ATOM 29  N N   . LYS A 1 8  ? 6.476   11.489  5.152   1.00 80.20  ? 8  LYS A N   1 
ATOM 30  C CA  . LYS A 1 8  ? 7.309   10.518  4.389   1.00 79.04  ? 8  LYS A CA  1 
ATOM 31  C C   . LYS A 1 8  ? 7.737   9.377   5.312   1.00 75.92  ? 8  LYS A C   1 
ATOM 32  O O   . LYS A 1 8  ? 8.090   9.662   6.461   1.00 93.78  ? 8  LYS A O   1 
ATOM 33  C CB  . LYS A 1 8  ? 8.559   11.194  3.816   1.00 87.27  ? 8  LYS A CB  1 
ATOM 34  C CG  . LYS A 1 8  ? 9.552   10.256  3.142   1.00 95.08  ? 8  LYS A CG  1 
ATOM 35  C CD  . LYS A 1 8  ? 10.760  10.968  2.566   1.00 109.61 ? 8  LYS A CD  1 
ATOM 36  C CE  . LYS A 1 8  ? 11.304  10.302  1.316   1.00 118.04 ? 8  LYS A CE  1 
ATOM 37  N NZ  . LYS A 1 8  ? 12.268  11.171  0.599   1.00 114.77 ? 8  LYS A NZ  1 
ATOM 38  N N   . GLN A 1 9  ? 7.746   8.145   4.799   1.00 78.27  ? 9  GLN A N   1 
ATOM 39  C CA  . GLN A 1 9  ? 8.067   6.910   5.565   1.00 68.35  ? 9  GLN A CA  1 
ATOM 40  C C   . GLN A 1 9  ? 8.662   5.866   4.614   1.00 60.41  ? 9  GLN A C   1 
ATOM 41  O O   . GLN A 1 9  ? 7.959   5.480   3.660   1.00 60.90  ? 9  GLN A O   1 
ATOM 42  C CB  . GLN A 1 9  ? 6.814   6.360   6.248   1.00 64.47  ? 9  GLN A CB  1 
ATOM 43  C CG  . GLN A 1 9  ? 7.015   4.992   6.900   1.00 67.22  ? 9  GLN A CG  1 
ATOM 44  C CD  . GLN A 1 9  ? 7.861   5.077   8.148   1.00 77.00  ? 9  GLN A CD  1 
ATOM 45  O OE1 . GLN A 1 9  ? 7.614   5.905   9.020   1.00 76.64  ? 9  GLN A OE1 1 
ATOM 46  N NE2 . GLN A 1 9  ? 8.878   4.235   8.232   1.00 65.27  ? 9  GLN A NE2 1 
ATOM 47  N N   . SER A 1 10 ? 9.908   5.457   4.875   1.00 64.53  ? 10 SER A N   1 
ATOM 48  C CA  . SER A 1 10 ? 10.625  4.330   4.223   1.00 74.36  ? 10 SER A CA  1 
ATOM 49  C C   . SER A 1 10 ? 10.081  3.002   4.746   1.00 79.53  ? 10 SER A C   1 
ATOM 50  O O   . SER A 1 10 ? 10.003  2.825   5.975   1.00 79.77  ? 10 SER A O   1 
ATOM 51  C CB  . SER A 1 10 ? 12.104  4.413   4.449   1.00 83.73  ? 10 SER A CB  1 
ATOM 52  O OG  . SER A 1 10 ? 12.650  5.473   3.687   1.00 101.29 ? 10 SER A OG  1 
ATOM 53  N N   . LEU A 1 11 ? 9.714   2.119   3.825   1.00 67.11  ? 11 LEU A N   1 
ATOM 54  C CA  . LEU A 1 11 ? 9.241   0.751   4.119   1.00 66.71  ? 11 LEU A CA  1 
ATOM 55  C C   . LEU A 1 11 ? 10.071  -0.229  3.295   1.00 76.70  ? 11 LEU A C   1 
ATOM 56  O O   . LEU A 1 11 ? 10.795  0.223   2.391   1.00 86.79  ? 11 LEU A O   1 
ATOM 57  C CB  . LEU A 1 11 ? 7.755   0.664   3.765   1.00 63.98  ? 11 LEU A CB  1 
ATOM 58  C CG  . LEU A 1 11 ? 6.844   1.515   4.641   1.00 61.09  ? 11 LEU A CG  1 
ATOM 59  C CD1 . LEU A 1 11 ? 5.424   1.499   4.114   1.00 58.10  ? 11 LEU A CD1 1 
ATOM 60  C CD2 . LEU A 1 11 ? 6.881   1.038   6.084   1.00 64.21  ? 11 LEU A CD2 1 
ATOM 61  N N   . TYR A 1 12 ? 9.979   -1.513  3.630   1.00 71.19  ? 12 TYR A N   1 
ATOM 62  C CA  . TYR A 1 12 ? 10.648  -2.624  2.918   1.00 69.27  ? 12 TYR A CA  1 
ATOM 63  C C   . TYR A 1 12 ? 9.554   -3.508  2.312   1.00 73.61  ? 12 TYR A C   1 
ATOM 64  O O   . TYR A 1 12 ? 8.515   -3.758  2.965   1.00 65.31  ? 12 TYR A O   1 
ATOM 65  C CB  . TYR A 1 12 ? 11.602  -3.357  3.859   1.00 75.53  ? 12 TYR A CB  1 
ATOM 66  C CG  . TYR A 1 12 ? 12.863  -2.594  4.175   1.00 89.97  ? 12 TYR A CG  1 
ATOM 67  C CD1 . TYR A 1 12 ? 12.889  -1.630  5.172   1.00 96.30  ? 12 TYR A CD1 1 
ATOM 68  C CD2 . TYR A 1 12 ? 14.037  -2.828  3.473   1.00 101.95 ? 12 TYR A CD2 1 
ATOM 69  C CE1 . TYR A 1 12 ? 14.043  -0.916  5.463   1.00 91.85  ? 12 TYR A CE1 1 
ATOM 70  C CE2 . TYR A 1 12 ? 15.200  -2.130  3.755   1.00 106.40 ? 12 TYR A CE2 1 
ATOM 71  C CZ  . TYR A 1 12 ? 15.203  -1.169  4.752   1.00 102.11 ? 12 TYR A CZ  1 
ATOM 72  O OH  . TYR A 1 12 ? 16.347  -0.480  5.030   1.00 130.27 ? 12 TYR A OH  1 
ATOM 73  N N   . PHE A 1 13 ? 9.753   -3.895  1.053   1.00 75.71  ? 13 PHE A N   1 
ATOM 74  C CA  . PHE A 1 13 ? 8.869   -4.812  0.296   1.00 62.71  ? 13 PHE A CA  1 
ATOM 75  C C   . PHE A 1 13 ? 9.714   -5.895  -0.347  1.00 64.75  ? 13 PHE A C   1 
ATOM 76  O O   . PHE A 1 13 ? 10.864  -5.649  -0.706  1.00 78.39  ? 13 PHE A O   1 
ATOM 77  C CB  . PHE A 1 13 ? 8.098   -4.054  -0.783  1.00 71.41  ? 13 PHE A CB  1 
ATOM 78  C CG  . PHE A 1 13 ? 7.142   -3.024  -0.254  1.00 54.80  ? 13 PHE A CG  1 
ATOM 79  C CD1 . PHE A 1 13 ? 5.839   -3.369  0.052   1.00 57.79  ? 13 PHE A CD1 1 
ATOM 80  C CD2 . PHE A 1 13 ? 7.554   -1.717  -0.044  1.00 60.70  ? 13 PHE A CD2 1 
ATOM 81  C CE1 . PHE A 1 13 ? 4.957   -2.423  0.548   1.00 55.56  ? 13 PHE A CE1 1 
ATOM 82  C CE2 . PHE A 1 13 ? 6.668   -0.769  0.444   1.00 56.96  ? 13 PHE A CE2 1 
ATOM 83  C CZ  . PHE A 1 13 ? 5.371   -1.124  0.733   1.00 58.59  ? 13 PHE A CZ  1 
ATOM 84  N N   . PRO A 1 14 ? 9.167   -7.114  -0.528  1.00 72.55  ? 14 PRO A N   1 
ATOM 85  C CA  . PRO A 1 14 ? 9.729   -8.049  -1.500  1.00 82.76  ? 14 PRO A CA  1 
ATOM 86  C C   . PRO A 1 14 ? 9.694   -7.388  -2.888  1.00 84.81  ? 14 PRO A C   1 
ATOM 87  O O   . PRO A 1 14 ? 8.803   -6.587  -3.135  1.00 81.94  ? 14 PRO A O   1 
ATOM 88  C CB  . PRO A 1 14 ? 8.814   -9.281  -1.413  1.00 81.87  ? 14 PRO A CB  1 
ATOM 89  C CG  . PRO A 1 14 ? 8.155   -9.157  -0.053  1.00 74.38  ? 14 PRO A CG  1 
ATOM 90  C CD  . PRO A 1 14 ? 8.006   -7.667  0.183   1.00 65.77  ? 14 PRO A CD  1 
ATOM 91  N N   . GLU A 1 15 ? 10.686  -7.697  -3.723  1.00 93.96  ? 15 GLU A N   1 
ATOM 92  C CA  . GLU A 1 15 ? 10.761  -7.281  -5.145  1.00 92.70  ? 15 GLU A CA  1 
ATOM 93  C C   . GLU A 1 15 ? 9.378   -7.465  -5.773  1.00 82.35  ? 15 GLU A C   1 
ATOM 94  O O   . GLU A 1 15 ? 8.771   -6.464  -6.161  1.00 79.62  ? 15 GLU A O   1 
ATOM 95  C CB  . GLU A 1 15 ? 11.789  -8.136  -5.887  1.00 123.23 ? 15 GLU A CB  1 
ATOM 96  C CG  . GLU A 1 15 ? 13.219  -7.955  -5.408  1.00 137.21 ? 15 GLU A CG  1 
ATOM 97  C CD  . GLU A 1 15 ? 14.120  -7.255  -6.409  1.00 143.83 ? 15 GLU A CD  1 
ATOM 98  O OE1 . GLU A 1 15 ? 13.851  -6.076  -6.720  1.00 134.72 ? 15 GLU A OE1 1 
ATOM 99  O OE2 . GLU A 1 15 ? 15.072  -7.901  -6.889  1.00 147.19 ? 15 GLU A OE2 1 
ATOM 100 N N   . GLU A 1 16 ? 8.895   -8.711  -5.821  1.00 91.55  ? 16 GLU A N   1 
ATOM 101 C CA  . GLU A 1 16 ? 7.624   -9.111  -6.486  1.00 93.96  ? 16 GLU A CA  1 
ATOM 102 C C   . GLU A 1 16 ? 6.513   -8.157  -6.054  1.00 83.93  ? 16 GLU A C   1 
ATOM 103 O O   . GLU A 1 16 ? 5.718   -7.728  -6.909  1.00 82.91  ? 16 GLU A O   1 
ATOM 104 C CB  . GLU A 1 16 ? 7.236   -10.550 -6.126  1.00 108.10 ? 16 GLU A CB  1 
ATOM 105 C CG  . GLU A 1 16 ? 5.856   -10.972 -6.628  1.00 122.44 ? 16 GLU A CG  1 
ATOM 106 C CD  . GLU A 1 16 ? 5.669   -11.044 -8.141  1.00 132.67 ? 16 GLU A CD  1 
ATOM 107 O OE1 . GLU A 1 16 ? 6.669   -11.290 -8.855  1.00 112.71 ? 16 GLU A OE1 1 
ATOM 108 O OE2 . GLU A 1 16 ? 4.517   -10.858 -8.611  1.00 113.84 ? 16 GLU A OE2 1 
ATOM 109 N N   . MET A 1 17 ? 6.456   -7.862  -4.761  1.00 82.91  ? 17 MET A N   1 
ATOM 110 C CA  . MET A 1 17 ? 5.334   -7.105  -4.175  1.00 66.46  ? 17 MET A CA  1 
ATOM 111 C C   . MET A 1 17 ? 5.434   -5.649  -4.627  1.00 67.51  ? 17 MET A C   1 
ATOM 112 O O   . MET A 1 17 ? 4.393   -5.102  -5.033  1.00 61.55  ? 17 MET A O   1 
ATOM 113 C CB  . MET A 1 17 ? 5.332   -7.171  -2.650  1.00 68.40  ? 17 MET A CB  1 
ATOM 114 C CG  . MET A 1 17 ? 4.064   -6.598  -2.086  1.00 72.84  ? 17 MET A CG  1 
ATOM 115 S SD  . MET A 1 17 ? 3.948   -6.593  -0.302  1.00 71.66  ? 17 MET A SD  1 
ATOM 116 C CE  . MET A 1 17 ? 3.516   -8.306  -0.003  1.00 65.17  ? 17 MET A CE  1 
ATOM 117 N N   . LEU A 1 18 ? 6.626   -5.048  -4.546  1.00 63.31  ? 18 LEU A N   1 
ATOM 118 C CA  . LEU A 1 18 ? 6.834   -3.646  -4.994  1.00 68.00  ? 18 LEU A CA  1 
ATOM 119 C C   . LEU A 1 18 ? 6.381   -3.524  -6.458  1.00 77.45  ? 18 LEU A C   1 
ATOM 120 O O   . LEU A 1 18 ? 5.664   -2.558  -6.787  1.00 74.04  ? 18 LEU A O   1 
ATOM 121 C CB  . LEU A 1 18 ? 8.301   -3.236  -4.832  1.00 73.23  ? 18 LEU A CB  1 
ATOM 122 C CG  . LEU A 1 18 ? 8.601   -1.758  -5.110  1.00 73.75  ? 18 LEU A CG  1 
ATOM 123 C CD1 . LEU A 1 18 ? 7.609   -0.852  -4.403  1.00 72.25  ? 18 LEU A CD1 1 
ATOM 124 C CD2 . LEU A 1 18 ? 10.016  -1.390  -4.700  1.00 83.29  ? 18 LEU A CD2 1 
ATOM 125 N N   . LYS A 1 19 ? 6.760   -4.480  -7.305  1.00 81.49  ? 19 LYS A N   1 
ATOM 126 C CA  . LYS A 1 19 ? 6.431   -4.440  -8.752  1.00 86.56  ? 19 LYS A CA  1 
ATOM 127 C C   . LYS A 1 19 ? 4.909   -4.563  -8.910  1.00 88.41  ? 19 LYS A C   1 
ATOM 128 O O   . LYS A 1 19 ? 4.348   -3.788  -9.704  1.00 96.98  ? 19 LYS A O   1 
ATOM 129 C CB  . LYS A 1 19 ? 7.240   -5.496  -9.509  1.00 95.39  ? 19 LYS A CB  1 
ATOM 130 C CG  . LYS A 1 19 ? 8.739   -5.232  -9.526  1.00 103.57 ? 19 LYS A CG  1 
ATOM 131 C CD  . LYS A 1 19 ? 9.525   -6.182  -10.413 1.00 121.61 ? 19 LYS A CD  1 
ATOM 132 C CE  . LYS A 1 19 ? 11.025  -5.991  -10.302 1.00 117.74 ? 19 LYS A CE  1 
ATOM 133 N NZ  . LYS A 1 19 ? 11.713  -7.245  -9.914  1.00 116.53 ? 19 LYS A NZ  1 
ATOM 134 N N   . GLU A 1 20 ? 4.257   -5.455  -8.157  1.00 73.96  ? 20 GLU A N   1 
ATOM 135 C CA  . GLU A 1 20 ? 2.774   -5.580  -8.165  1.00 71.86  ? 20 GLU A CA  1 
ATOM 136 C C   . GLU A 1 20 ? 2.149   -4.219  -7.853  1.00 68.52  ? 20 GLU A C   1 
ATOM 137 O O   . GLU A 1 20 ? 1.198   -3.833  -8.550  1.00 67.94  ? 20 GLU A O   1 
ATOM 138 C CB  . GLU A 1 20 ? 2.273   -6.605  -7.148  1.00 84.98  ? 20 GLU A CB  1 
ATOM 139 C CG  . GLU A 1 20 ? 1.957   -7.963  -7.742  1.00 88.58  ? 20 GLU A CG  1 
ATOM 140 C CD  . GLU A 1 20 ? 1.285   -8.901  -6.757  1.00 99.55  ? 20 GLU A CD  1 
ATOM 141 O OE1 . GLU A 1 20 ? 1.605   -8.810  -5.550  1.00 93.14  ? 20 GLU A OE1 1 
ATOM 142 O OE2 . GLU A 1 20 ? 0.442   -9.709  -7.191  1.00 112.32 ? 20 GLU A OE2 1 
ATOM 143 N N   . ILE A 1 21 ? 2.662   -3.514  -6.845  1.00 60.64  ? 21 ILE A N   1 
ATOM 144 C CA  . ILE A 1 21 ? 2.074   -2.216  -6.400  1.00 59.79  ? 21 ILE A CA  1 
ATOM 145 C C   . ILE A 1 21 ? 2.221   -1.213  -7.559  1.00 60.15  ? 21 ILE A C   1 
ATOM 146 O O   . ILE A 1 21 ? 1.228   -0.520  -7.864  1.00 61.05  ? 21 ILE A O   1 
ATOM 147 C CB  . ILE A 1 21 ? 2.709   -1.725  -5.071  1.00 54.21  ? 21 ILE A CB  1 
ATOM 148 C CG1 . ILE A 1 21 ? 2.476   -2.701  -3.912  1.00 51.01  ? 21 ILE A CG1 1 
ATOM 149 C CG2 . ILE A 1 21 ? 2.193   -0.348  -4.701  1.00 53.15  ? 21 ILE A CG2 1 
ATOM 150 C CD1 . ILE A 1 21 ? 3.277   -2.373  -2.656  1.00 55.77  ? 21 ILE A CD1 1 
ATOM 151 N N   . GLN A 1 22 ? 3.403   -1.154  -8.187  1.00 54.91  ? 22 GLN A N   1 
ATOM 152 C CA  . GLN A 1 22 ? 3.759   -0.155  -9.230  1.00 68.13  ? 22 GLN A CA  1 
ATOM 153 C C   . GLN A 1 22 ? 2.898   -0.392  -10.477 1.00 60.06  ? 22 GLN A C   1 
ATOM 154 O O   . GLN A 1 22 ? 2.472   0.597   -11.089 1.00 72.78  ? 22 GLN A O   1 
ATOM 155 C CB  . GLN A 1 22 ? 5.255   -0.211  -9.560  1.00 73.61  ? 22 GLN A CB  1 
ATOM 156 C CG  . GLN A 1 22 ? 5.696   0.803   -10.615 1.00 74.69  ? 22 GLN A CG  1 
ATOM 157 C CD  . GLN A 1 22 ? 5.277   2.225   -10.312 1.00 82.46  ? 22 GLN A CD  1 
ATOM 158 O OE1 . GLN A 1 22 ? 5.922   2.930   -9.532  1.00 78.93  ? 22 GLN A OE1 1 
ATOM 159 N NE2 . GLN A 1 22 ? 4.197   2.663   -10.947 1.00 61.79  ? 22 GLN A NE2 1 
ATOM 160 N N   . GLU A 1 23 ? 2.637   -1.654  -10.803 1.00 64.83  ? 23 GLU A N   1 
ATOM 161 C CA  . GLU A 1 23 ? 1.734   -2.075  -11.904 1.00 66.11  ? 23 GLU A CA  1 
ATOM 162 C C   . GLU A 1 23 ? 0.353   -1.455  -11.676 1.00 66.79  ? 23 GLU A C   1 
ATOM 163 O O   . GLU A 1 23 ? -0.181  -0.841  -12.608 1.00 65.78  ? 23 GLU A O   1 
ATOM 164 C CB  . GLU A 1 23 ? 1.665   -3.600  -11.989 1.00 76.98  ? 23 GLU A CB  1 
ATOM 165 C CG  . GLU A 1 23 ? 2.911   -4.220  -12.608 1.00 106.81 ? 23 GLU A CG  1 
ATOM 166 C CD  . GLU A 1 23 ? 3.065   -5.725  -12.431 1.00 126.32 ? 23 GLU A CD  1 
ATOM 167 O OE1 . GLU A 1 23 ? 2.048   -6.404  -12.173 1.00 141.51 ? 23 GLU A OE1 1 
ATOM 168 O OE2 . GLU A 1 23 ? 4.207   -6.217  -12.551 1.00 134.15 ? 23 GLU A OE2 1 
ATOM 169 N N   . GLU A 1 24 ? -0.200  -1.568  -10.471 1.00 61.71  ? 24 GLU A N   1 
ATOM 170 C CA  . GLU A 1 24 ? -1.522  -0.969  -10.170 1.00 59.85  ? 24 GLU A CA  1 
ATOM 171 C C   . GLU A 1 24 ? -1.433  0.563   -10.223 1.00 51.76  ? 24 GLU A C   1 
ATOM 172 O O   . GLU A 1 24 ? -2.394  1.204   -10.665 1.00 63.67  ? 24 GLU A O   1 
ATOM 173 C CB  . GLU A 1 24 ? -2.022  -1.474  -8.826  1.00 67.63  ? 24 GLU A CB  1 
ATOM 174 C CG  . GLU A 1 24 ? -2.600  -2.866  -8.927  1.00 72.78  ? 24 GLU A CG  1 
ATOM 175 C CD  . GLU A 1 24 ? -3.727  -2.964  -9.932  1.00 78.31  ? 24 GLU A CD  1 
ATOM 176 O OE1 . GLU A 1 24 ? -4.658  -2.134  -9.854  1.00 68.94  ? 24 GLU A OE1 1 
ATOM 177 O OE2 . GLU A 1 24 ? -3.656  -3.856  -10.797 1.00 79.39  ? 24 GLU A OE2 1 
ATOM 178 N N   . ALA A 1 25 ? -0.319  1.140   -9.796  1.00 54.18  ? 25 ALA A N   1 
ATOM 179 C CA  . ALA A 1 25 ? -0.145  2.605   -9.755  1.00 56.93  ? 25 ALA A CA  1 
ATOM 180 C C   . ALA A 1 25 ? -0.209  3.134   -11.199 1.00 58.66  ? 25 ALA A C   1 
ATOM 181 O O   . ALA A 1 25 ? -1.041  4.010   -11.487 1.00 57.58  ? 25 ALA A O   1 
ATOM 182 C CB  . ALA A 1 25 ? 1.140   2.936   -9.033  1.00 51.02  ? 25 ALA A CB  1 
ATOM 183 N N   . THR A 1 26 ? 0.546   2.538   -12.115 1.00 57.62  ? 26 THR A N   1 
ATOM 184 C CA  . THR A 1 26 ? 0.623   3.025   -13.510 1.00 65.46  ? 26 THR A CA  1 
ATOM 185 C C   . THR A 1 26 ? -0.704  2.700   -14.206 1.00 65.99  ? 26 THR A C   1 
ATOM 186 O O   . THR A 1 26 ? -1.239  3.586   -14.872 1.00 68.33  ? 26 THR A O   1 
ATOM 187 C CB  . THR A 1 26 ? 1.925   2.553   -14.167 1.00 82.60  ? 26 THR A CB  1 
ATOM 188 O OG1 . THR A 1 26 ? 2.193   1.267   -13.626 1.00 78.03  ? 26 THR A OG1 1 
ATOM 189 C CG2 . THR A 1 26 ? 3.094   3.476   -13.885 1.00 82.66  ? 26 THR A CG2 1 
ATOM 190 N N   . ARG A 1 27 ? -1.274  1.523   -13.983 1.00 69.48  ? 27 ARG A N   1 
ATOM 191 C CA  . ARG A 1 27 ? -2.593  1.155   -14.559 1.00 68.50  ? 27 ARG A CA  1 
ATOM 192 C C   . ARG A 1 27 ? -3.628  2.228   -14.200 1.00 62.59  ? 27 ARG A C   1 
ATOM 193 O O   . ARG A 1 27 ? -4.412  2.599   -15.062 1.00 73.59  ? 27 ARG A O   1 
ATOM 194 C CB  . ARG A 1 27 ? -3.036  -0.216  -14.042 1.00 70.62  ? 27 ARG A CB  1 
ATOM 195 C CG  . ARG A 1 27 ? -4.169  -0.843  -14.840 1.00 70.84  ? 27 ARG A CG  1 
ATOM 196 C CD  . ARG A 1 27 ? -4.561  -2.207  -14.297 1.00 77.85  ? 27 ARG A CD  1 
ATOM 197 N NE  . ARG A 1 27 ? -5.099  -2.094  -12.951 1.00 74.64  ? 27 ARG A NE  1 
ATOM 198 C CZ  . ARG A 1 27 ? -6.379  -1.901  -12.634 1.00 83.07  ? 27 ARG A CZ  1 
ATOM 199 N NH1 . ARG A 1 27 ? -7.306  -1.821  -13.571 1.00 76.44  ? 27 ARG A NH1 1 
ATOM 200 N NH2 . ARG A 1 27 ? -6.736  -1.800  -11.367 1.00 99.70  ? 27 ARG A NH2 1 
ATOM 201 N N   . GLN A 1 28 ? -3.633  2.687   -12.953 1.00 64.45  ? 28 GLN A N   1 
ATOM 202 C CA  . GLN A 1 28 ? -4.667  3.597   -12.395 1.00 59.28  ? 28 GLN A CA  1 
ATOM 203 C C   . GLN A 1 28 ? -4.193  5.050   -12.506 1.00 55.82  ? 28 GLN A C   1 
ATOM 204 O O   . GLN A 1 28 ? -4.930  5.951   -12.065 1.00 59.70  ? 28 GLN A O   1 
ATOM 205 C CB  . GLN A 1 28 ? -4.938  3.231   -10.934 1.00 59.01  ? 28 GLN A CB  1 
ATOM 206 C CG  . GLN A 1 28 ? -5.543  1.846   -10.736 1.00 58.88  ? 28 GLN A CG  1 
ATOM 207 C CD  . GLN A 1 28 ? -6.050  1.677   -9.320  1.00 73.36  ? 28 GLN A CD  1 
ATOM 208 O OE1 . GLN A 1 28 ? -6.506  2.625   -8.689  1.00 70.24  ? 28 GLN A OE1 1 
ATOM 209 N NE2 . GLN A 1 28 ? -5.987  0.462   -8.801  1.00 66.78  ? 28 GLN A NE2 1 
ATOM 210 N N   . ASP A 1 29 ? -3.001  5.261   -13.061 1.00 51.85  ? 29 ASP A N   1 
ATOM 211 C CA  . ASP A 1 29 ? -2.327  6.578   -13.166 1.00 61.06  ? 29 ASP A CA  1 
ATOM 212 C C   . ASP A 1 29 ? -2.229  7.231   -11.786 1.00 64.02  ? 29 ASP A C   1 
ATOM 213 O O   . ASP A 1 29 ? -2.559  8.430   -11.642 1.00 63.86  ? 29 ASP A O   1 
ATOM 214 C CB  . ASP A 1 29 ? -3.022  7.445   -14.212 1.00 72.10  ? 29 ASP A CB  1 
ATOM 215 C CG  . ASP A 1 29 ? -2.625  7.023   -15.613 1.00 72.68  ? 29 ASP A CG  1 
ATOM 216 O OD1 . ASP A 1 29 ? -1.425  6.611   -15.811 1.00 58.93  ? 29 ASP A OD1 1 
ATOM 217 O OD2 . ASP A 1 29 ? -3.515  7.061   -16.468 1.00 71.45  ? 29 ASP A OD2 1 
ATOM 218 N N   . ARG A 1 30 ? -1.690  6.478   -10.835 1.00 66.00  ? 30 ARG A N   1 
ATOM 219 C CA  . ARG A 1 30 ? -1.592  6.879   -9.417  1.00 56.77  ? 30 ARG A CA  1 
ATOM 220 C C   . ARG A 1 30 ? -0.129  6.805   -8.974  1.00 51.92  ? 30 ARG A C   1 
ATOM 221 O O   . ARG A 1 30 ? 0.690   6.168   -9.664  1.00 52.74  ? 30 ARG A O   1 
ATOM 222 C CB  . ARG A 1 30 ? -2.532  5.989   -8.602  1.00 55.50  ? 30 ARG A CB  1 
ATOM 223 C CG  . ARG A 1 30 ? -4.006  6.311   -8.805  1.00 55.69  ? 30 ARG A CG  1 
ATOM 224 C CD  . ARG A 1 30 ? -4.263  7.721   -8.303  1.00 56.91  ? 30 ARG A CD  1 
ATOM 225 N NE  . ARG A 1 30 ? -5.661  8.112   -8.264  1.00 55.06  ? 30 ARG A NE  1 
ATOM 226 C CZ  . ARG A 1 30 ? -6.071  9.316   -7.901  1.00 59.86  ? 30 ARG A CZ  1 
ATOM 227 N NH1 . ARG A 1 30 ? -5.197  10.238  -7.544  1.00 69.80  ? 30 ARG A NH1 1 
ATOM 228 N NH2 . ARG A 1 30 ? -7.351  9.609   -7.906  1.00 69.92  ? 30 ARG A NH2 1 
ATOM 229 N N   . SER A 1 31 ? 0.178   7.520   -7.898  1.00 52.54  ? 31 SER A N   1 
ATOM 230 C CA  . SER A 1 31 ? 1.399   7.337   -7.078  1.00 52.73  ? 31 SER A CA  1 
ATOM 231 C C   . SER A 1 31 ? 1.303   5.982   -6.380  1.00 47.25  ? 31 SER A C   1 
ATOM 232 O O   . SER A 1 31 ? 0.183   5.532   -6.109  1.00 46.57  ? 31 SER A O   1 
ATOM 233 C CB  . SER A 1 31 ? 1.551   8.445   -6.069  1.00 61.37  ? 31 SER A CB  1 
ATOM 234 O OG  . SER A 1 31 ? 0.508   8.388   -5.099  1.00 52.14  ? 31 SER A OG  1 
ATOM 235 N N   . LEU A 1 32 ? 2.458   5.379   -6.124  1.00 50.74  ? 32 LEU A N   1 
ATOM 236 C CA  . LEU A 1 32 ? 2.685   4.272   -5.161  1.00 51.17  ? 32 LEU A CA  1 
ATOM 237 C C   . LEU A 1 32 ? 1.949   4.559   -3.848  1.00 43.08  ? 32 LEU A C   1 
ATOM 238 O O   . LEU A 1 32 ? 1.121   3.729   -3.431  1.00 46.79  ? 32 LEU A O   1 
ATOM 239 C CB  . LEU A 1 32 ? 4.195   4.178   -4.935  1.00 51.20  ? 32 LEU A CB  1 
ATOM 240 C CG  . LEU A 1 32 ? 4.975   3.521   -6.068  1.00 57.91  ? 32 LEU A CG  1 
ATOM 241 C CD1 . LEU A 1 32 ? 6.461   3.482   -5.739  1.00 58.75  ? 32 LEU A CD1 1 
ATOM 242 C CD2 . LEU A 1 32 ? 4.436   2.121   -6.334  1.00 69.86  ? 32 LEU A CD2 1 
ATOM 243 N N   . SER A 1 33 ? 2.199   5.728   -3.267  1.00 46.69  ? 33 SER A N   1 
ATOM 244 C CA  . SER A 1 33 ? 1.643   6.138   -1.957  1.00 51.95  ? 33 SER A CA  1 
ATOM 245 C C   . SER A 1 33 ? 0.131   5.971   -1.999  1.00 59.17  ? 33 SER A C   1 
ATOM 246 O O   . SER A 1 33 ? -0.443  5.380   -1.058  1.00 64.09  ? 33 SER A O   1 
ATOM 247 C CB  . SER A 1 33 ? 2.037   7.528   -1.613  1.00 55.68  ? 33 SER A CB  1 
ATOM 248 O OG  . SER A 1 33 ? 3.436   7.591   -1.347  1.00 53.31  ? 33 SER A OG  1 
ATOM 249 N N   . TRP A 1 34 ? -0.490  6.427   -3.081  1.00 50.36  ? 34 TRP A N   1 
ATOM 250 C CA  . TRP A 1 34 ? -1.972  6.435   -3.174  1.00 49.43  ? 34 TRP A CA  1 
ATOM 251 C C   . TRP A 1 34 ? -2.485  4.992   -3.199  1.00 48.11  ? 34 TRP A C   1 
ATOM 252 O O   . TRP A 1 34 ? -3.500  4.716   -2.555  1.00 54.48  ? 34 TRP A O   1 
ATOM 253 C CB  . TRP A 1 34 ? -2.441  7.233   -4.387  1.00 50.63  ? 34 TRP A CB  1 
ATOM 254 C CG  . TRP A 1 34 ? -3.926  7.288   -4.537  1.00 42.62  ? 34 TRP A CG  1 
ATOM 255 C CD1 . TRP A 1 34 ? -4.765  8.291   -4.134  1.00 51.56  ? 34 TRP A CD1 1 
ATOM 256 C CD2 . TRP A 1 34 ? -4.760  6.301   -5.167  1.00 41.92  ? 34 TRP A CD2 1 
ATOM 257 N NE1 . TRP A 1 34 ? -6.062  7.995   -4.471  1.00 58.54  ? 34 TRP A NE1 1 
ATOM 258 C CE2 . TRP A 1 34 ? -6.091  6.777   -5.100  1.00 50.36  ? 34 TRP A CE2 1 
ATOM 259 C CE3 . TRP A 1 34 ? -4.517  5.056   -5.752  1.00 45.44  ? 34 TRP A CE3 1 
ATOM 260 C CZ2 . TRP A 1 34 ? -7.169  6.057   -5.616  1.00 55.06  ? 34 TRP A CZ2 1 
ATOM 261 C CZ3 . TRP A 1 34 ? -5.584  4.344   -6.260  1.00 57.10  ? 34 TRP A CZ3 1 
ATOM 262 C CH2 . TRP A 1 34 ? -6.890  4.846   -6.207  1.00 54.34  ? 34 TRP A CH2 1 
ATOM 263 N N   . VAL A 1 35 ? -1.843  4.107   -3.949  1.00 46.41  ? 35 VAL A N   1 
ATOM 264 C CA  . VAL A 1 35 ? -2.292  2.690   -4.020  1.00 54.18  ? 35 VAL A CA  1 
ATOM 265 C C   . VAL A 1 35 ? -2.172  2.070   -2.616  1.00 55.12  ? 35 VAL A C   1 
ATOM 266 O O   . VAL A 1 35 ? -3.119  1.402   -2.157  1.00 54.56  ? 35 VAL A O   1 
ATOM 267 C CB  . VAL A 1 35 ? -1.471  1.918   -5.061  1.00 56.51  ? 35 VAL A CB  1 
ATOM 268 C CG1 . VAL A 1 35 ? -1.725  0.422   -4.973  1.00 61.63  ? 35 VAL A CG1 1 
ATOM 269 C CG2 . VAL A 1 35 ? -1.734  2.441   -6.464  1.00 59.05  ? 35 VAL A CG2 1 
ATOM 270 N N   . VAL A 1 36 ? -1.043  2.288   -1.946  1.00 54.37  ? 36 VAL A N   1 
ATOM 271 C CA  . VAL A 1 36 ? -0.774  1.674   -0.617  1.00 59.38  ? 36 VAL A CA  1 
ATOM 272 C C   . VAL A 1 36 ? -1.790  2.232   0.378   1.00 58.34  ? 36 VAL A C   1 
ATOM 273 O O   . VAL A 1 36 ? -2.344  1.443   1.127   1.00 53.62  ? 36 VAL A O   1 
ATOM 274 C CB  . VAL A 1 36 ? 0.669   1.908   -0.164  1.00 56.05  ? 36 VAL A CB  1 
ATOM 275 C CG1 . VAL A 1 36 ? 0.871   1.444   1.268   1.00 57.57  ? 36 VAL A CG1 1 
ATOM 276 C CG2 . VAL A 1 36 ? 1.642   1.227   -1.107  1.00 53.03  ? 36 VAL A CG2 1 
ATOM 277 N N   . GLN A 1 37 ? -2.078  3.529   0.306   1.00 57.32  ? 37 GLN A N   1 
ATOM 278 C CA  . GLN A 1 37 ? -3.121  4.169   1.135   1.00 46.92  ? 37 GLN A CA  1 
ATOM 279 C C   . GLN A 1 37 ? -4.442  3.456   0.894   1.00 56.67  ? 37 GLN A C   1 
ATOM 280 O O   . GLN A 1 37 ? -5.162  3.216   1.871   1.00 67.20  ? 37 GLN A O   1 
ATOM 281 C CB  . GLN A 1 37 ? -3.231  5.662   0.846   1.00 60.29  ? 37 GLN A CB  1 
ATOM 282 C CG  . GLN A 1 37 ? -2.142  6.478   1.526   1.00 57.18  ? 37 GLN A CG  1 
ATOM 283 C CD  . GLN A 1 37 ? -2.054  7.869   0.959   1.00 57.73  ? 37 GLN A CD  1 
ATOM 284 O OE1 . GLN A 1 37 ? -3.011  8.368   0.389   1.00 59.71  ? 37 GLN A OE1 1 
ATOM 285 N NE2 . GLN A 1 37 ? -0.897  8.499   1.108   1.00 55.05  ? 37 GLN A NE2 1 
ATOM 286 N N   . GLN A 1 38 ? -4.763  3.108   -0.346  1.00 55.34  ? 38 GLN A N   1 
ATOM 287 C CA  . GLN A 1 38 ? -6.085  2.479   -0.615  1.00 60.12  ? 38 GLN A CA  1 
ATOM 288 C C   . GLN A 1 38 ? -6.080  1.052   -0.031  1.00 57.83  ? 38 GLN A C   1 
ATOM 289 O O   . GLN A 1 38 ? -7.128  0.610   0.486   1.00 60.15  ? 38 GLN A O   1 
ATOM 290 C CB  . GLN A 1 38 ? -6.427  2.571   -2.105  1.00 74.15  ? 38 GLN A CB  1 
ATOM 291 C CG  . GLN A 1 38 ? -6.428  4.011   -2.638  1.00 86.34  ? 38 GLN A CG  1 
ATOM 292 C CD  . GLN A 1 38 ? -7.457  4.927   -2.011  1.00 75.69  ? 38 GLN A CD  1 
ATOM 293 O OE1 . GLN A 1 38 ? -8.625  4.585   -1.913  1.00 61.61  ? 38 GLN A OE1 1 
ATOM 294 N NE2 . GLN A 1 38 ? -7.047  6.120   -1.599  1.00 74.27  ? 38 GLN A NE2 1 
ATOM 295 N N   . ALA A 1 39 ? -4.943  0.356   -0.097  1.00 57.70  ? 39 ALA A N   1 
ATOM 296 C CA  . ALA A 1 39 ? -4.752  -0.991  0.486   1.00 63.05  ? 39 ALA A CA  1 
ATOM 297 C C   . ALA A 1 39 ? -5.009  -0.920  1.998   1.00 54.03  ? 39 ALA A C   1 
ATOM 298 O O   . ALA A 1 39 ? -5.717  -1.769  2.528   1.00 57.10  ? 39 ALA A O   1 
ATOM 299 C CB  . ALA A 1 39 ? -3.366  -1.499  0.179   1.00 57.78  ? 39 ALA A CB  1 
ATOM 300 N N   . TRP A 1 40 ? -4.481  0.095   2.663   1.00 54.19  ? 40 TRP A N   1 
ATOM 301 C CA  . TRP A 1 40 ? -4.678  0.274   4.119   1.00 63.40  ? 40 TRP A CA  1 
ATOM 302 C C   . TRP A 1 40 ? -6.164  0.492   4.401   1.00 62.48  ? 40 TRP A C   1 
ATOM 303 O O   . TRP A 1 40 ? -6.747  -0.275  5.211   1.00 70.36  ? 40 TRP A O   1 
ATOM 304 C CB  . TRP A 1 40 ? -3.826  1.418   4.657   1.00 55.96  ? 40 TRP A CB  1 
ATOM 305 C CG  . TRP A 1 40 ? -4.036  1.603   6.124   1.00 65.36  ? 40 TRP A CG  1 
ATOM 306 C CD1 . TRP A 1 40 ? -4.614  2.668   6.744   1.00 64.65  ? 40 TRP A CD1 1 
ATOM 307 C CD2 . TRP A 1 40 ? -3.713  0.659   7.157   1.00 64.09  ? 40 TRP A CD2 1 
ATOM 308 N NE1 . TRP A 1 40 ? -4.648  2.465   8.095   1.00 63.78  ? 40 TRP A NE1 1 
ATOM 309 C CE2 . TRP A 1 40 ? -4.085  1.250   8.382   1.00 67.07  ? 40 TRP A CE2 1 
ATOM 310 C CE3 . TRP A 1 40 ? -3.105  -0.602  7.173   1.00 60.37  ? 40 TRP A CE3 1 
ATOM 311 C CZ2 . TRP A 1 40 ? -3.900  0.605   9.607   1.00 67.76  ? 40 TRP A CZ2 1 
ATOM 312 C CZ3 . TRP A 1 40 ? -2.924  -1.238  8.381   1.00 62.49  ? 40 TRP A CZ3 1 
ATOM 313 C CH2 . TRP A 1 40 ? -3.331  -0.648  9.581   1.00 61.43  ? 40 TRP A CH2 1 
ATOM 314 N N   . LYS A 1 41 ? -6.760  1.482   3.741   1.00 64.67  ? 41 LYS A N   1 
ATOM 315 C CA  . LYS A 1 41 ? -8.195  1.819   3.906   1.00 58.24  ? 41 LYS A CA  1 
ATOM 316 C C   . LYS A 1 41 ? -9.031  0.547   3.730   1.00 63.03  ? 41 LYS A C   1 
ATOM 317 O O   . LYS A 1 41 ? -10.016 0.415   4.453   1.00 68.53  ? 41 LYS A O   1 
ATOM 318 C CB  . LYS A 1 41 ? -8.622  2.904   2.919   1.00 66.84  ? 41 LYS A CB  1 
ATOM 319 C CG  . LYS A 1 41 ? -8.124  4.309   3.236   1.00 78.89  ? 41 LYS A CG  1 
ATOM 320 C CD  . LYS A 1 41 ? -8.473  5.318   2.150   1.00 94.82  ? 41 LYS A CD  1 
ATOM 321 C CE  . LYS A 1 41 ? -8.075  6.738   2.495   1.00 103.42 ? 41 LYS A CE  1 
ATOM 322 N NZ  . LYS A 1 41 ? -8.584  7.707   1.499   1.00 109.78 ? 41 LYS A NZ  1 
ATOM 323 N N   . ILE A 1 42 ? -8.662  -0.353  2.811   1.00 58.05  ? 42 ILE A N   1 
ATOM 324 C CA  . ILE A 1 42 ? -9.459  -1.585  2.523   1.00 60.08  ? 42 ILE A CA  1 
ATOM 325 C C   . ILE A 1 42 ? -9.258  -2.579  3.676   1.00 69.34  ? 42 ILE A C   1 
ATOM 326 O O   . ILE A 1 42 ? -10.254 -3.184  4.078   1.00 77.46  ? 42 ILE A O   1 
ATOM 327 C CB  . ILE A 1 42 ? -9.104  -2.186  1.138   1.00 64.40  ? 42 ILE A CB  1 
ATOM 328 C CG1 . ILE A 1 42 ? -9.681  -1.344  -0.003  1.00 81.21  ? 42 ILE A CG1 1 
ATOM 329 C CG2 . ILE A 1 42 ? -9.554  -3.631  0.987   1.00 66.18  ? 42 ILE A CG2 1 
ATOM 330 C CD1 . ILE A 1 42 ? -8.999  -1.562  -1.344  1.00 67.22  ? 42 ILE A CD1 1 
ATOM 331 N N   . ALA A 1 43 ? -8.027  -2.722  4.189   1.00 66.46  ? 43 ALA A N   1 
ATOM 332 C CA  . ALA A 1 43 ? -7.594  -3.851  5.043   1.00 70.01  ? 43 ALA A CA  1 
ATOM 333 C C   . ALA A 1 43 ? -7.685  -3.503  6.539   1.00 69.83  ? 43 ALA A C   1 
ATOM 334 O O   . ALA A 1 43 ? -7.826  -4.448  7.337   1.00 82.28  ? 43 ALA A O   1 
ATOM 335 C CB  . ALA A 1 43 ? -6.204  -4.270  4.645   1.00 71.70  ? 43 ALA A CB  1 
ATOM 336 N N   . ARG A 1 44 ? -7.621  -2.214  6.897   1.00 70.69  ? 44 ARG A N   1 
ATOM 337 C CA  . ARG A 1 44 ? -7.608  -1.693  8.294   1.00 71.76  ? 44 ARG A CA  1 
ATOM 338 C C   . ARG A 1 44 ? -8.370  -2.621  9.255   1.00 88.37  ? 44 ARG A C   1 
ATOM 339 O O   . ARG A 1 44 ? -7.758  -3.134  10.222  1.00 78.95  ? 44 ARG A O   1 
ATOM 340 C CB  . ARG A 1 44 ? -8.242  -0.301  8.338   1.00 90.84  ? 44 ARG A CB  1 
ATOM 341 C CG  . ARG A 1 44 ? -7.247  0.803   8.646   1.00 107.60 ? 44 ARG A CG  1 
ATOM 342 C CD  . ARG A 1 44 ? -7.874  2.055   9.223   1.00 127.05 ? 44 ARG A CD  1 
ATOM 343 N NE  . ARG A 1 44 ? -8.271  3.001   8.187   1.00 115.48 ? 44 ARG A NE  1 
ATOM 344 C CZ  . ARG A 1 44 ? -9.483  3.081   7.642   1.00 125.29 ? 44 ARG A CZ  1 
ATOM 345 N NH1 . ARG A 1 44 ? -10.450 2.262   8.027   1.00 137.82 ? 44 ARG A NH1 1 
ATOM 346 N NH2 . ARG A 1 44 ? -9.726  3.989   6.711   1.00 104.40 ? 44 ARG A NH2 1 
ATOM 347 N N   . GLU A 1 45 ? -9.664  -2.814  9.000   1.00 82.61  ? 45 GLU A N   1 
ATOM 348 C CA  . GLU A 1 45 ? -10.606 -3.517  9.905   1.00 98.65  ? 45 GLU A CA  1 
ATOM 349 C C   . GLU A 1 45 ? -10.133 -4.957  10.104  1.00 92.64  ? 45 GLU A C   1 
ATOM 350 O O   . GLU A 1 45 ? -9.985  -5.365  11.277  1.00 102.53 ? 45 GLU A O   1 
ATOM 351 C CB  . GLU A 1 45 ? -12.031 -3.446  9.350   1.00 107.14 ? 45 GLU A CB  1 
ATOM 352 C CG  . GLU A 1 45 ? -12.580 -2.032  9.287   1.00 123.72 ? 45 GLU A CG  1 
ATOM 353 C CD  . GLU A 1 45 ? -12.227 -1.158  10.480  1.00 124.40 ? 45 GLU A CD  1 
ATOM 354 O OE1 . GLU A 1 45 ? -12.776 -1.405  11.572  1.00 115.94 ? 45 GLU A OE1 1 
ATOM 355 O OE2 . GLU A 1 45 ? -11.378 -0.250  10.319  1.00 134.66 ? 45 GLU A OE2 1 
ATOM 356 N N   . ARG A 1 46 ? -9.912  -5.689  9.007   1.00 77.98  ? 46 ARG A N   1 
ATOM 357 C CA  . ARG A 1 46 ? -9.438  -7.100  9.031   1.00 84.07  ? 46 ARG A CA  1 
ATOM 358 C C   . ARG A 1 46 ? -8.157  -7.170  9.878   1.00 88.62  ? 46 ARG A C   1 
ATOM 359 O O   . ARG A 1 46 ? -8.044  -8.113  10.694  1.00 93.93  ? 46 ARG A O   1 
ATOM 360 C CB  . ARG A 1 46 ? -9.233  -7.617  7.602   1.00 78.91  ? 46 ARG A CB  1 
ATOM 361 C CG  . ARG A 1 46 ? -8.479  -8.937  7.482   1.00 98.33  ? 46 ARG A CG  1 
ATOM 362 C CD  . ARG A 1 46 ? -9.298  -10.128 6.996   1.00 114.37 ? 46 ARG A CD  1 
ATOM 363 N NE  . ARG A 1 46 ? -8.438  -11.155 6.405   1.00 111.87 ? 46 ARG A NE  1 
ATOM 364 C CZ  . ARG A 1 46 ? -8.770  -12.432 6.217   1.00 131.85 ? 46 ARG A CZ  1 
ATOM 365 N NH1 . ARG A 1 46 ? -9.961  -12.890 6.575   1.00 121.03 ? 46 ARG A NH1 1 
ATOM 366 N NH2 . ARG A 1 46 ? -7.895  -13.259 5.670   1.00 140.90 ? 46 ARG A NH2 1 
ATOM 367 N N   . ILE A 1 47 ? -7.254  -6.192  9.724   1.00 76.75  ? 47 ILE A N   1 
ATOM 368 C CA  . ILE A 1 47 ? -5.927  -6.177  10.407  1.00 76.84  ? 47 ILE A CA  1 
ATOM 369 C C   . ILE A 1 47 ? -6.137  -5.850  11.886  1.00 75.83  ? 47 ILE A C   1 
ATOM 370 O O   . ILE A 1 47 ? -5.484  -6.504  12.708  1.00 73.13  ? 47 ILE A O   1 
ATOM 371 C CB  . ILE A 1 47 ? -4.942  -5.200  9.736   1.00 72.18  ? 47 ILE A CB  1 
ATOM 372 C CG1 . ILE A 1 47 ? -4.442  -5.746  8.396   1.00 67.37  ? 47 ILE A CG1 1 
ATOM 373 C CG2 . ILE A 1 47 ? -3.782  -4.882  10.668  1.00 76.19  ? 47 ILE A CG2 1 
ATOM 374 C CD1 . ILE A 1 47 ? -3.702  -4.723  7.554   1.00 63.75  ? 47 ILE A CD1 1 
ATOM 375 N N   . LYS A 1 48 ? -7.006  -4.879  12.190  1.00 76.08  ? 48 LYS A N   1 
ATOM 376 C CA  . LYS A 1 48 ? -7.302  -4.412  13.572  1.00 81.83  ? 48 LYS A CA  1 
ATOM 377 C C   . LYS A 1 48 ? -7.938  -5.561  14.361  1.00 95.53  ? 48 LYS A C   1 
ATOM 378 O O   . LYS A 1 48 ? -8.018  -5.436  15.604  1.00 99.64  ? 48 LYS A O   1 
ATOM 379 C CB  . LYS A 1 48 ? -8.218  -3.183  13.564  1.00 91.29  ? 48 LYS A CB  1 
ATOM 380 C CG  . LYS A 1 48 ? -7.530  -1.863  13.231  1.00 101.50 ? 48 LYS A CG  1 
ATOM 381 C CD  . LYS A 1 48 ? -8.486  -0.736  12.874  1.00 117.03 ? 48 LYS A CD  1 
ATOM 382 C CE  . LYS A 1 48 ? -8.989  0.041   14.073  1.00 122.81 ? 48 LYS A CE  1 
ATOM 383 N NZ  . LYS A 1 48 ? -8.213  1.289   14.272  1.00 132.16 ? 48 LYS A NZ  1 
ATOM 384 N N   . SER A 1 49 ? -8.343  -6.633  13.668  1.00 92.59  ? 49 SER A N   1 
ATOM 385 C CA  . SER A 1 49 ? -8.932  -7.867  14.253  1.00 99.62  ? 49 SER A CA  1 
ATOM 386 C C   . SER A 1 49 ? -7.868  -8.964  14.435  1.00 90.40  ? 49 SER A C   1 
ATOM 387 O O   . SER A 1 49 ? -8.172  -9.948  15.133  1.00 97.87  ? 49 SER A O   1 
ATOM 388 C CB  . SER A 1 49 ? -10.119 -8.347  13.436  1.00 99.63  ? 49 SER A CB  1 
ATOM 389 O OG  . SER A 1 49 ? -9.716  -9.126  12.319  1.00 100.17 ? 49 SER A OG  1 
ATOM 390 N N   . PHE A 1 50 ? -6.666  -8.821  13.868  1.00 80.32  ? 50 PHE A N   1 
ATOM 391 C CA  . PHE A 1 50 ? -5.520  -9.739  14.148  1.00 106.62 ? 50 PHE A CA  1 
ATOM 392 C C   . PHE A 1 50 ? -5.268  -9.793  15.660  1.00 115.72 ? 50 PHE A C   1 
ATOM 393 O O   . PHE A 1 50 ? -5.637  -8.864  16.379  1.00 106.32 ? 50 PHE A O   1 
ATOM 394 C CB  . PHE A 1 50 ? -4.257  -9.308  13.396  1.00 119.25 ? 50 PHE A CB  1 
ATOM 395 C CG  . PHE A 1 50 ? -4.221  -9.592  11.912  1.00 111.79 ? 50 PHE A CG  1 
ATOM 396 C CD1 . PHE A 1 50 ? -5.381  -9.806  11.181  1.00 105.66 ? 50 PHE A CD1 1 
ATOM 397 C CD2 . PHE A 1 50 ? -3.004  -9.604  11.237  1.00 97.41  ? 50 PHE A CD2 1 
ATOM 398 C CE1 . PHE A 1 50 ? -5.318  -10.050 9.817   1.00 105.62 ? 50 PHE A CE1 1 
ATOM 399 C CE2 . PHE A 1 50 ? -2.939  -9.845  9.874   1.00 89.12  ? 50 PHE A CE2 1 
ATOM 400 C CZ  . PHE A 1 50 ? -4.100  -10.070 9.167   1.00 118.37 ? 50 PHE A CZ  1 
ATOM 401 N N   . PRO A 1 51 ? -4.632  -10.867 16.196  1.00 118.96 ? 51 PRO A N   1 
ATOM 402 C CA  . PRO A 1 51 ? -4.581  -11.098 17.648  1.00 116.26 ? 51 PRO A CA  1 
ATOM 403 C C   . PRO A 1 51 ? -3.386  -10.584 18.482  1.00 118.46 ? 51 PRO A C   1 
ATOM 404 O O   . PRO A 1 51 ? -3.557  -9.616  19.226  1.00 102.08 ? 51 PRO A O   1 
ATOM 405 C CB  . PRO A 1 51 ? -4.596  -12.635 17.692  1.00 122.00 ? 51 PRO A CB  1 
ATOM 406 C CG  . PRO A 1 51 ? -3.865  -13.082 16.433  1.00 120.66 ? 51 PRO A CG  1 
ATOM 407 C CD  . PRO A 1 51 ? -3.998  -11.952 15.431  1.00 107.93 ? 51 PRO A CD  1 
ATOM 408 N N   . ALA A 1 52 ? -2.230  -11.261 18.413  1.00 102.34 ? 52 ALA A N   1 
ATOM 409 C CA  . ALA A 1 52 ? -1.123  -11.126 19.392  1.00 99.78  ? 52 ALA A CA  1 
ATOM 410 C C   . ALA A 1 52 ? 0.061   -12.009 18.978  1.00 93.86  ? 52 ALA A C   1 
ATOM 411 O O   . ALA A 1 52 ? 0.009   -13.239 19.055  1.00 76.55  ? 52 ALA A O   1 
ATOM 412 C CB  . ALA A 1 52 ? -1.629  -11.489 20.769  1.00 98.76  ? 52 ALA A CB  1 
# 
loop_
_atom_site_anisotrop.id 
_atom_site_anisotrop.type_symbol 
_atom_site_anisotrop.pdbx_label_atom_id 
_atom_site_anisotrop.pdbx_label_alt_id 
_atom_site_anisotrop.pdbx_label_comp_id 
_atom_site_anisotrop.pdbx_label_asym_id 
_atom_site_anisotrop.pdbx_label_seq_id 
_atom_site_anisotrop.pdbx_PDB_ins_code 
_atom_site_anisotrop.U[1][1] 
_atom_site_anisotrop.U[2][2] 
_atom_site_anisotrop.U[3][3] 
_atom_site_anisotrop.U[1][2] 
_atom_site_anisotrop.U[1][3] 
_atom_site_anisotrop.U[2][3] 
_atom_site_anisotrop.pdbx_auth_seq_id 
_atom_site_anisotrop.pdbx_auth_comp_id 
_atom_site_anisotrop.pdbx_auth_asym_id 
_atom_site_anisotrop.pdbx_auth_atom_id 
1   N N   . ASP A 5  ? 2.4518 1.3435 1.4978 0.1782  0.1766  -0.1457 5  ASP A N   
2   C CA  . ASP A 5  ? 2.4821 1.2623 1.4463 0.0894  0.1175  -0.1775 5  ASP A CA  
3   C C   . ASP A 5  ? 2.3270 1.2671 1.4052 0.0115  0.0787  -0.1644 5  ASP A C   
4   O O   . ASP A 5  ? 2.1411 1.1631 1.2334 0.0188  0.0837  -0.1682 5  ASP A O   
5   C CB  . ASP A 5  ? 2.5539 1.1591 1.3297 0.1049  0.1145  -0.2258 5  ASP A CB  
6   C CG  . ASP A 5  ? 2.8437 1.2541 1.4921 0.0334  0.0578  -0.2558 5  ASP A CG  
7   O OD1 . ASP A 5  ? 2.8063 1.2616 1.5360 -0.0483 0.0142  -0.2346 5  ASP A OD1 
8   O OD2 . ASP A 5  ? 2.8749 1.0857 1.3371 0.0597  0.0577  -0.2982 5  ASP A OD2 
9   N N   . LYS A 6  ? 2.3703 1.3490 1.5203 -0.0559 0.0437  -0.1469 6  LYS A N   
10  C CA  . LYS A 6  ? 1.9804 1.1306 1.2614 -0.1107 0.0193  -0.1253 6  LYS A CA  
11  C C   . LYS A 6  ? 1.8676 1.0208 1.1135 -0.1743 -0.0264 -0.1435 6  LYS A C   
12  O O   . LYS A 6  ? 2.0672 1.0713 1.1824 -0.1986 -0.0515 -0.1715 6  LYS A O   
13  C CB  . LYS A 6  ? 2.0332 1.2140 1.3842 -0.1535 0.0051  -0.0983 6  LYS A CB  
14  C CG  . LYS A 6  ? 1.8904 1.2514 1.3805 -0.1658 0.0073  -0.0706 6  LYS A CG  
15  C CD  . LYS A 6  ? 1.8835 1.3036 1.4369 -0.1097 0.0422  -0.0473 6  LYS A CD  
16  C CE  . LYS A 6  ? 1.9482 1.3007 1.4883 -0.1095 0.0470  -0.0283 6  LYS A CE  
17  N NZ  . LYS A 6  ? 1.6457 1.1073 1.2770 -0.1014 0.0566  0.0024  6  LYS A NZ  
18  N N   . ARG A 7  ? 1.6771 0.9875 1.0299 -0.1982 -0.0396 -0.1267 7  ARG A N   
19  C CA  . ARG A 7  ? 1.6295 0.9861 0.9843 -0.2572 -0.0863 -0.1310 7  ARG A CA  
20  C C   . ARG A 7  ? 1.2916 0.8275 0.7931 -0.2746 -0.0927 -0.1009 7  ARG A C   
21  O O   . ARG A 7  ? 1.2274 0.8462 0.7961 -0.2256 -0.0618 -0.0906 7  ARG A O   
22  C CB  . ARG A 7  ? 1.7626 1.0913 1.0395 -0.2269 -0.0832 -0.1526 7  ARG A CB  
23  C CG  . ARG A 7  ? 2.2523 1.4078 1.3598 -0.2501 -0.1109 -0.1877 7  ARG A CG  
24  C CD  . ARG A 7  ? 2.3250 1.4630 1.4169 -0.3477 -0.1815 -0.1856 7  ARG A CD  
25  N NE  . ARG A 7  ? 2.4104 1.3617 1.3201 -0.3779 -0.2184 -0.2222 7  ARG A NE  
26  C CZ  . ARG A 7  ? 2.7589 1.5153 1.5384 -0.3774 -0.2188 -0.2474 7  ARG A CZ  
27  N NH1 . ARG A 7  ? 2.7177 1.4506 1.5394 -0.3464 -0.1827 -0.2353 7  ARG A NH1 
28  N NH2 . ARG A 7  ? 3.0175 1.5889 1.6120 -0.4064 -0.2583 -0.2852 7  ARG A NH2 
29  N N   . LYS A 8  ? 1.3036 0.8955 0.8481 -0.3417 -0.1332 -0.0856 8  LYS A N   
30  C CA  . LYS A 8  ? 1.1878 0.9492 0.8662 -0.3527 -0.1357 -0.0552 8  LYS A CA  
31  C C   . LYS A 8  ? 1.1112 0.9551 0.8183 -0.3434 -0.1544 -0.0541 8  LYS A C   
32  O O   . LYS A 8  ? 1.3798 1.1694 1.0139 -0.3740 -0.1904 -0.0665 8  LYS A O   
33  C CB  . LYS A 8  ? 1.2640 1.0672 0.9844 -0.4267 -0.1671 -0.0284 8  LYS A CB  
34  C CG  . LYS A 8  ? 1.2578 1.2442 1.1108 -0.4314 -0.1656 0.0058  8  LYS A CG  
35  C CD  . LYS A 8  ? 1.4031 1.4533 1.3084 -0.5054 -0.1906 0.0433  8  LYS A CD  
36  C CE  . LYS A 8  ? 1.4174 1.6269 1.4409 -0.4838 -0.1568 0.0773  8  LYS A CE  
37  N NZ  . LYS A 8  ? 1.3419 1.6081 1.4106 -0.5544 -0.1693 0.1206  8  LYS A NZ  
38  N N   . GLN A 9  ? 1.0714 1.0310 0.8715 -0.3043 -0.1348 -0.0390 9  GLN A N   
39  C CA  . GLN A 9  ? 0.9096 0.9445 0.7428 -0.2841 -0.1493 -0.0331 9  GLN A CA  
40  C C   . GLN A 9  ? 0.7282 0.8928 0.6743 -0.2597 -0.1373 -0.0095 9  GLN A C   
41  O O   . GLN A 9  ? 0.7266 0.8924 0.6949 -0.2205 -0.1024 -0.0117 9  GLN A O   
42  C CB  . GLN A 9  ? 0.8977 0.8755 0.6761 -0.2345 -0.1271 -0.0490 9  GLN A CB  
43  C CG  . GLN A 9  ? 0.8981 0.9450 0.7112 -0.2107 -0.1395 -0.0370 9  GLN A CG  
44  C CD  . GLN A 9  ? 1.0351 1.0836 0.8069 -0.2468 -0.1851 -0.0354 9  GLN A CD  
45  O OE1 . GLN A 9  ? 1.0975 1.0502 0.7642 -0.2685 -0.1972 -0.0550 9  GLN A OE1 
46  N NE2 . GLN A 9  ? 0.8267 0.9792 0.6740 -0.2509 -0.2124 -0.0113 9  GLN A NE2 
47  N N   . SER A 10 ? 0.7259 0.9922 0.7339 -0.2801 -0.1666 0.0132  10 SER A N   
48  C CA  . SER A 10 ? 0.7749 1.1676 0.8830 -0.2428 -0.1556 0.0365  10 SER A CA  
49  C C   . SER A 10 ? 0.8461 1.2285 0.9470 -0.1877 -0.1524 0.0296  10 SER A C   
50  O O   . SER A 10 ? 0.8732 1.2263 0.9314 -0.1975 -0.1807 0.0272  10 SER A O   
51  C CB  . SER A 10 ? 0.8289 1.3421 1.0102 -0.2795 -0.1888 0.0708  10 SER A CB  
52  O OG  . SER A 10 ? 1.0322 1.5760 1.2404 -0.3295 -0.1863 0.0880  10 SER A OG  
53  N N   . LEU A 11 ? 0.6747 1.0701 0.8050 -0.1359 -0.1219 0.0277  11 LEU A N   
54  C CA  . LEU A 11 ? 0.6774 1.0545 0.8030 -0.0861 -0.1217 0.0260  11 LEU A CA  
55  C C   . LEU A 11 ? 0.7562 1.2106 0.9473 -0.0382 -0.1101 0.0394  11 LEU A C   
56  O O   . LEU A 11 ? 0.8462 1.3694 1.0821 -0.0413 -0.0918 0.0486  11 LEU A O   
57  C CB  . LEU A 11 ? 0.6913 0.9752 0.7647 -0.0713 -0.0993 0.0079  11 LEU A CB  
58  C CG  . LEU A 11 ? 0.7012 0.9122 0.7078 -0.0987 -0.1012 -0.0027 11 LEU A CG  
59  C CD1 . LEU A 11 ? 0.6922 0.8432 0.6722 -0.0813 -0.0754 -0.0094 11 LEU A CD1 
60  C CD2 . LEU A 11 ? 0.7542 0.9565 0.7291 -0.1015 -0.1268 0.0037  11 LEU A CD2 
61  N N   . TYR A 12 ? 0.6918 1.1308 0.8820 0.0064  -0.1193 0.0431  12 TYR A N   
62  C CA  . TYR A 12 ? 0.6409 1.1205 0.8704 0.0697  -0.1067 0.0509  12 TYR A CA  
63  C C   . TYR A 12 ? 0.7522 1.1213 0.9234 0.1033  -0.0952 0.0301  12 TYR A C   
64  O O   . TYR A 12 ? 0.6889 0.9787 0.8138 0.0857  -0.1114 0.0260  12 TYR A O   
65  C CB  . TYR A 12 ? 0.6834 1.2292 0.9574 0.0926  -0.1364 0.0782  12 TYR A CB  
66  C CG  . TYR A 12 ? 0.7969 1.4765 1.1452 0.0612  -0.1511 0.1072  12 TYR A CG  
67  C CD1 . TYR A 12 ? 0.8819 1.5645 1.2126 -0.0094 -0.1849 0.1124  12 TYR A CD1 
68  C CD2 . TYR A 12 ? 0.8793 1.6828 1.3115 0.1009  -0.1321 0.1325  12 TYR A CD2 
69  C CE1 . TYR A 12 ? 0.7654 1.5643 1.1600 -0.0523 -0.2099 0.1429  12 TYR A CE1 
70  C CE2 . TYR A 12 ? 0.8603 1.8067 1.3757 0.0632  -0.1501 0.1703  12 TYR A CE2 
71  C CZ  . TYR A 12 ? 0.8139 1.7550 1.3109 -0.0202 -0.1943 0.1762  12 TYR A CZ  
72  O OH  . TYR A 12 ? 1.0998 2.1751 1.6747 -0.0702 -0.2231 0.2172  12 TYR A OH  
73  N N   . PHE A 13 ? 0.7814 1.1461 0.9492 0.1454  -0.0676 0.0193  13 PHE A N   
74  C CA  . PHE A 13 ? 0.6768 0.9280 0.7781 0.1766  -0.0637 -0.0014 13 PHE A CA  
75  C C   . PHE A 13 ? 0.7034 0.9551 0.8019 0.2532  -0.0503 -0.0045 13 PHE A C   
76  O O   . PHE A 13 ? 0.8220 1.1813 0.9753 0.2829  -0.0250 0.0075  13 PHE A O   
77  C CB  . PHE A 13 ? 0.8102 1.0266 0.8764 0.1511  -0.0425 -0.0186 13 PHE A CB  
78  C CG  . PHE A 13 ? 0.6073 0.8075 0.6675 0.0905  -0.0508 -0.0160 13 PHE A CG  
79  C CD1 . PHE A 13 ? 0.6854 0.8045 0.7060 0.0733  -0.0682 -0.0170 13 PHE A CD1 
80  C CD2 . PHE A 13 ? 0.6496 0.9145 0.7423 0.0526  -0.0413 -0.0090 13 PHE A CD2 
81  C CE1 . PHE A 13 ? 0.6605 0.7735 0.6772 0.0320  -0.0674 -0.0117 13 PHE A CE1 
82  C CE2 . PHE A 13 ? 0.6207 0.8512 0.6925 0.0095  -0.0455 -0.0102 13 PHE A CE2 
83  C CZ  . PHE A 13 ? 0.6768 0.8368 0.7125 0.0057  -0.0542 -0.0117 13 PHE A CZ  
84  N N   . PRO A 14 ? 0.8655 0.9944 0.8967 0.2884  -0.0661 -0.0181 14 PRO A N   
85  C CA  . PRO A 14 ? 1.0242 1.1075 1.0127 0.3672  -0.0459 -0.0344 14 PRO A CA  
86  C C   . PRO A 14 ? 1.0559 1.1522 1.0144 0.3691  -0.0069 -0.0545 14 PRO A C   
87  O O   . PRO A 14 ? 1.0313 1.1086 0.9737 0.3083  -0.0112 -0.0603 14 PRO A O   
88  C CB  . PRO A 14 ? 1.1005 1.0115 0.9987 0.3765  -0.0828 -0.0477 14 PRO A CB  
89  C CG  . PRO A 14 ? 0.9942 0.9087 0.9233 0.3156  -0.1201 -0.0227 14 PRO A CG  
90  C CD  . PRO A 14 ? 0.8299 0.8531 0.8162 0.2547  -0.1042 -0.0155 14 PRO A CD  
91  N N   . GLU A 15 ? 1.1591 1.2974 1.1137 0.4420  0.0329  -0.0598 15 GLU A N   
92  C CA  . GLU A 15 ? 1.1583 1.2999 1.0637 0.4597  0.0755  -0.0781 15 GLU A CA  
93  C C   . GLU A 15 ? 1.1181 1.0991 0.9119 0.4231  0.0493  -0.1085 15 GLU A C   
94  O O   . GLU A 15 ? 1.0751 1.0780 0.8721 0.3635  0.0520  -0.1066 15 GLU A O   
95  C CB  . GLU A 15 ? 1.5540 1.7019 1.4263 0.5674  0.1176  -0.0869 15 GLU A CB  
96  C CG  . GLU A 15 ? 1.6263 1.9628 1.6242 0.6099  0.1473  -0.0465 15 GLU A CG  
97  C CD  . GLU A 15 ? 1.6486 2.1304 1.6857 0.6376  0.2114  -0.0299 15 GLU A CD  
98  O OE1 . GLU A 15 ? 1.5052 2.0459 1.5678 0.5625  0.2177  -0.0201 15 GLU A OE1 
99  O OE2 . GLU A 15 ? 1.6739 2.2065 1.7119 0.7378  0.2567  -0.0239 15 GLU A OE2 
100 N N   . GLU A 16 ? 1.3184 1.1411 1.0188 0.4543  0.0191  -0.1307 16 GLU A N   
101 C CA  . GLU A 16 ? 1.4426 1.1007 1.0266 0.4200  -0.0163 -0.1561 16 GLU A CA  
102 C C   . GLU A 16 ? 1.2875 0.9803 0.9209 0.3242  -0.0426 -0.1367 16 GLU A C   
103 O O   . GLU A 16 ? 1.3056 0.9572 0.8874 0.2880  -0.0486 -0.1458 16 GLU A O   
104 C CB  . GLU A 16 ? 1.7050 1.1947 1.2077 0.4432  -0.0627 -0.1683 16 GLU A CB  
105 C CG  . GLU A 16 ? 1.9758 1.3034 1.3729 0.3867  -0.1150 -0.1830 16 GLU A CG  
106 C CD  . GLU A 16 ? 2.1809 1.4117 1.4482 0.4056  -0.1053 -0.2196 16 GLU A CD  
107 O OE1 . GLU A 16 ? 1.9472 1.1742 1.1611 0.4908  -0.0585 -0.2442 16 GLU A OE1 
108 O OE2 . GLU A 16 ? 1.9811 1.1456 1.1987 0.3371  -0.1444 -0.2202 16 GLU A OE2 
109 N N   . MET A 17 ? 1.2212 0.9843 0.9447 0.2896  -0.0578 -0.1093 17 MET A N   
110 C CA  . MET A 17 ? 0.9939 0.7760 0.7551 0.2118  -0.0808 -0.0900 17 MET A CA  
111 C C   . MET A 17 ? 0.9591 0.8415 0.7643 0.1835  -0.0480 -0.0849 17 MET A C   
112 O O   . MET A 17 ? 0.8987 0.7549 0.6851 0.1396  -0.0588 -0.0816 17 MET A O   
113 C CB  . MET A 17 ? 0.9822 0.8075 0.8093 0.1911  -0.0996 -0.0644 17 MET A CB  
114 C CG  . MET A 17 ? 1.0317 0.8582 0.8777 0.1254  -0.1187 -0.0452 17 MET A CG  
115 S SD  . MET A 17 ? 0.9834 0.8557 0.8837 0.1007  -0.1347 -0.0154 17 MET A SD  
116 C CE  . MET A 17 ? 0.9605 0.7092 0.8063 0.1115  -0.1795 -0.0053 17 MET A CE  
117 N N   . LEU A 18 ? 0.8488 0.8432 0.7137 0.2049  -0.0133 -0.0783 18 LEU A N   
118 C CA  . LEU A 18 ? 0.8665 0.9480 0.7692 0.1730  0.0152  -0.0687 18 LEU A CA  
119 C C   . LEU A 18 ? 1.0293 1.0569 0.8566 0.1777  0.0286  -0.0841 18 LEU A C   
120 O O   . LEU A 18 ? 0.9850 1.0158 0.8126 0.1326  0.0272  -0.0758 18 LEU A O   
121 C CB  . LEU A 18 ? 0.8657 1.0759 0.8405 0.1949  0.0459  -0.0530 18 LEU A CB  
122 C CG  . LEU A 18 ? 0.8283 1.1259 0.8480 0.1490  0.0672  -0.0351 18 LEU A CG  
123 C CD1 . LEU A 18 ? 0.8189 1.0820 0.8443 0.0864  0.0427  -0.0304 18 LEU A CD1 
124 C CD2 . LEU A 18 ? 0.8742 1.3097 0.9807 0.1533  0.0835  -0.0084 18 LEU A CD2 
125 N N   . LYS A 19 ? 1.1241 1.0939 0.8781 0.2340  0.0396  -0.1058 19 LYS A N   
126 C CA  . LYS A 19 ? 1.2402 1.1496 0.8988 0.2435  0.0520  -0.1236 19 LYS A CA  
127 C C   . LYS A 19 ? 1.3177 1.1199 0.9216 0.1925  0.0029  -0.1271 19 LYS A C   
128 O O   . LYS A 19 ? 1.4338 1.2376 1.0134 0.1607  0.0045  -0.1211 19 LYS A O   
129 C CB  . LYS A 19 ? 1.3967 1.2553 0.9725 0.3256  0.0773  -0.1498 19 LYS A CB  
130 C CG  . LYS A 19 ? 1.4295 1.4305 1.0751 0.3784  0.1343  -0.1343 19 LYS A CG  
131 C CD  . LYS A 19 ? 1.7017 1.6609 1.2580 0.4745  0.1730  -0.1587 19 LYS A CD  
132 C CE  . LYS A 19 ? 1.5642 1.6942 1.2152 0.5319  0.2307  -0.1313 19 LYS A CE  
133 N NZ  . LYS A 19 ? 1.5641 1.6608 1.2026 0.6227  0.2372  -0.1419 19 LYS A NZ  
134 N N   . GLU A 20 ? 1.1638 0.8880 0.7582 0.1808  -0.0408 -0.1280 20 GLU A N   
135 C CA  . GLU A 20 ? 1.1712 0.8207 0.7383 0.1239  -0.0911 -0.1174 20 GLU A CA  
136 C C   . GLU A 20 ? 1.0713 0.8127 0.7192 0.0739  -0.0838 -0.0882 20 GLU A C   
137 O O   . GLU A 20 ? 1.0815 0.7985 0.7014 0.0404  -0.1029 -0.0783 20 GLU A O   
138 C CB  . GLU A 20 ? 1.3563 0.9423 0.9302 0.1108  -0.1339 -0.1084 20 GLU A CB  
139 C CG  . GLU A 20 ? 1.4951 0.9205 0.9499 0.1233  -0.1757 -0.1304 20 GLU A CG  
140 C CD  . GLU A 20 ? 1.6529 1.0125 1.1170 0.0925  -0.2258 -0.1100 20 GLU A CD  
141 O OE1 . GLU A 20 ? 1.5188 0.9524 1.0679 0.0960  -0.2141 -0.0902 20 GLU A OE1 
142 O OE2 . GLU A 20 ? 1.8837 1.1176 1.2661 0.0600  -0.2796 -0.1105 20 GLU A OE2 
143 N N   . ILE A 21 ? 0.9105 0.7460 0.6474 0.0707  -0.0602 -0.0740 21 ILE A N   
144 C CA  . ILE A 21 ? 0.8577 0.7567 0.6571 0.0306  -0.0529 -0.0499 21 ILE A CA  
145 C C   . ILE A 21 ? 0.8609 0.7841 0.6405 0.0256  -0.0290 -0.0490 21 ILE A C   
146 O O   . ILE A 21 ? 0.8735 0.7908 0.6553 -0.0039 -0.0400 -0.0311 21 ILE A O   
147 C CB  . ILE A 21 ? 0.7395 0.7093 0.6110 0.0286  -0.0377 -0.0415 21 ILE A CB  
148 C CG1 . ILE A 21 ? 0.7031 0.6481 0.5870 0.0310  -0.0630 -0.0362 21 ILE A CG1 
149 C CG2 . ILE A 21 ? 0.7011 0.7084 0.6100 -0.0033 -0.0269 -0.0242 21 ILE A CG2 
150 C CD1 . ILE A 21 ? 0.7251 0.7327 0.6610 0.0329  -0.0528 -0.0308 21 ILE A CD1 
151 N N   . GLN A 22 ? 0.7889 0.7449 0.5526 0.0557  0.0038  -0.0616 22 GLN A N   
152 C CA  . GLN A 22 ? 0.9483 0.9428 0.6974 0.0497  0.0334  -0.0538 22 GLN A CA  
153 C C   . GLN A 22 ? 0.9012 0.8200 0.5607 0.0449  0.0148  -0.0590 22 GLN A C   
154 O O   . GLN A 22 ? 1.0593 0.9915 0.7146 0.0191  0.0185  -0.0404 22 GLN A O   
155 C CB  . GLN A 22 ? 0.9909 1.0558 0.7500 0.0862  0.0758  -0.0582 22 GLN A CB  
156 C CG  . GLN A 22 ? 0.9918 1.1075 0.7386 0.0756  0.1096  -0.0416 22 GLN A CG  
157 C CD  . GLN A 22 ? 1.0657 1.2063 0.8611 0.0215  0.1044  -0.0146 22 GLN A CD  
158 O OE1 . GLN A 22 ? 0.9766 1.1804 0.8420 -0.0004 0.1128  0.0009  22 GLN A OE1 
159 N NE2 . GLN A 22 ? 0.8374 0.9211 0.5894 0.0002  0.0867  -0.0072 22 GLN A NE2 
160 N N   . GLU A 23 ? 1.0157 0.8476 0.5998 0.0659  -0.0105 -0.0819 23 GLU A N   
161 C CA  . GLU A 23 ? 1.0975 0.8352 0.5791 0.0530  -0.0450 -0.0891 23 GLU A CA  
162 C C   . GLU A 23 ? 1.0889 0.8337 0.6151 -0.0008 -0.0825 -0.0563 23 GLU A C   
163 O O   . GLU A 23 ? 1.0898 0.8291 0.5806 -0.0207 -0.0912 -0.0418 23 GLU A O   
164 C CB  . GLU A 23 ? 1.3032 0.9250 0.6967 0.0771  -0.0769 -0.1192 23 GLU A CB  
165 C CG  . GLU A 23 ? 1.7158 1.3113 1.0314 0.1457  -0.0363 -0.1532 23 GLU A CG  
166 C CD  . GLU A 23 ? 2.0306 1.5033 1.2658 0.1848  -0.0608 -0.1849 23 GLU A CD  
167 O OE1 . GLU A 23 ? 2.2661 1.6415 1.4691 0.1457  -0.1220 -0.1832 23 GLU A OE1 
168 O OE2 . GLU A 23 ? 2.1380 1.6140 1.3450 0.2551  -0.0191 -0.2068 23 GLU A OE2 
169 N N   . GLU A 24 ? 0.9917 0.7578 0.5953 -0.0196 -0.1007 -0.0400 24 GLU A N   
170 C CA  . GLU A 24 ? 0.9411 0.7337 0.5994 -0.0594 -0.1274 -0.0022 24 GLU A CA  
171 C C   . GLU A 24 ? 0.7986 0.6604 0.5077 -0.0625 -0.0930 0.0177  24 GLU A C   
172 O O   . GLU A 24 ? 0.9431 0.8142 0.6619 -0.0828 -0.1097 0.0472  24 GLU A O   
173 C CB  . GLU A 24 ? 1.0131 0.8203 0.7362 -0.0706 -0.1440 0.0121  24 GLU A CB  
174 C CG  . GLU A 24 ? 1.1226 0.8484 0.7945 -0.0883 -0.1960 0.0103  24 GLU A CG  
175 C CD  . GLU A 24 ? 1.2192 0.9083 0.8479 -0.1268 -0.2447 0.0320  24 GLU A CD  
176 O OE1 . GLU A 24 ? 1.0550 0.8138 0.7505 -0.1496 -0.2494 0.0730  24 GLU A OE1 
177 O OE2 . GLU A 24 ? 1.3020 0.8896 0.8250 -0.1309 -0.2787 0.0086  24 GLU A OE2 
178 N N   . ALA A 25 ? 0.8045 0.7099 0.5442 -0.0451 -0.0511 0.0063  25 ALA A N   
179 C CA  . ALA A 25 ? 0.8117 0.7614 0.5901 -0.0543 -0.0235 0.0248  25 ALA A CA  
180 C C   . ALA A 25 ? 0.8571 0.7933 0.5784 -0.0604 -0.0207 0.0353  25 ALA A C   
181 O O   . ALA A 25 ? 0.8394 0.7756 0.5728 -0.0756 -0.0302 0.0641  25 ALA A O   
182 C CB  . ALA A 25 ? 0.7100 0.7037 0.5248 -0.0458 0.0090  0.0124  25 ALA A CB  
183 N N   . THR A 26 ? 0.8724 0.7923 0.5247 -0.0437 -0.0097 0.0145  26 THR A N   
184 C CA  . THR A 26 ? 0.9984 0.9075 0.5811 -0.0473 -0.0012 0.0246  26 THR A CA  
185 C C   . THR A 26 ? 1.0416 0.8938 0.5720 -0.0659 -0.0515 0.0370  26 THR A C   
186 O O   . THR A 26 ? 1.0725 0.9300 0.5938 -0.0833 -0.0588 0.0671  26 THR A O   
187 C CB  . THR A 26 ? 1.2299 1.1526 0.7559 -0.0154 0.0371  0.0013  26 THR A CB  
188 O OG1 . THR A 26 ? 1.1860 1.0782 0.7003 0.0132  0.0287  -0.0307 26 THR A OG1 
189 C CG2 . THR A 26 ? 1.1809 1.1901 0.7698 -0.0172 0.0840  0.0167  26 THR A CG2 
190 N N   . ARG A 27 ? 1.1113 0.9125 0.6162 -0.0679 -0.0907 0.0218  27 ARG A N   
191 C CA  . ARG A 27 ? 1.1275 0.8822 0.5929 -0.0986 -0.1507 0.0413  27 ARG A CA  
192 C C   . ARG A 27 ? 1.0020 0.8167 0.5595 -0.1201 -0.1619 0.0908  27 ARG A C   
193 O O   . ARG A 27 ? 1.1525 0.9615 0.6821 -0.1397 -0.1928 0.1202  27 ARG A O   
194 C CB  . ARG A 27 ? 1.1787 0.8763 0.6282 -0.1080 -0.1939 0.0258  27 ARG A CB  
195 C CG  . ARG A 27 ? 1.2269 0.8585 0.6062 -0.1476 -0.2649 0.0409  27 ARG A CG  
196 C CD  . ARG A 27 ? 1.3451 0.9078 0.7051 -0.1663 -0.3124 0.0297  27 ARG A CD  
197 N NE  . ARG A 27 ? 1.2342 0.8745 0.7274 -0.1789 -0.3108 0.0619  27 ARG A NE  
198 C CZ  . ARG A 27 ? 1.2954 0.9932 0.8677 -0.2185 -0.3488 0.1152  27 ARG A CZ  
199 N NH1 . ARG A 27 ? 1.2248 0.9141 0.7656 -0.2568 -0.4016 0.1465  27 ARG A NH1 
200 N NH2 . ARG A 27 ? 1.4447 1.2160 1.1278 -0.2185 -0.3336 0.1415  27 ARG A NH2 
201 N N   . GLN A 28 ? 0.9752 0.8415 0.6319 -0.1118 -0.1379 0.1000  28 GLN A N   
202 C CA  . GLN A 28 ? 0.8642 0.7810 0.6073 -0.1171 -0.1422 0.1443  28 GLN A CA  
203 C C   . GLN A 28 ? 0.8095 0.7431 0.5683 -0.1040 -0.1019 0.1550  28 GLN A C   
204 O O   . GLN A 28 ? 0.8308 0.7896 0.6478 -0.0960 -0.0972 0.1880  28 GLN A O   
205 C CB  . GLN A 28 ? 0.8252 0.7726 0.6442 -0.1108 -0.1360 0.1450  28 GLN A CB  
206 C CG  . GLN A 28 ? 0.8316 0.7612 0.6444 -0.1323 -0.1811 0.1467  28 GLN A CG  
207 C CD  . GLN A 28 ? 0.9712 0.9487 0.8675 -0.1288 -0.1736 0.1649  28 GLN A CD  
208 O OE1 . GLN A 28 ? 0.8927 0.9229 0.8530 -0.1118 -0.1473 0.1907  28 GLN A OE1 
209 N NE2 . GLN A 28 ? 0.8994 0.8514 0.7866 -0.1416 -0.1954 0.1529  28 GLN A NE2 
210 N N   . ASP A 29 ? 0.7814 0.7000 0.4886 -0.1003 -0.0730 0.1316  29 ASP A N   
211 C CA  . ASP A 29 ? 0.8924 0.8198 0.6080 -0.0994 -0.0368 0.1429  29 ASP A CA  
212 C C   . ASP A 29 ? 0.9028 0.8416 0.6881 -0.0916 -0.0158 0.1417  29 ASP A C   
213 O O   . ASP A 29 ? 0.8996 0.8234 0.7035 -0.0893 -0.0069 0.1665  29 ASP A O   
214 C CB  . ASP A 29 ? 1.0454 0.9600 0.7339 -0.1079 -0.0521 0.1829  29 ASP A CB  
215 C CG  . ASP A 29 ? 1.0908 0.9869 0.6838 -0.1171 -0.0591 0.1773  29 ASP A CG  
216 O OD1 . ASP A 29 ? 0.9279 0.8294 0.4817 -0.1108 -0.0280 0.1471  29 ASP A OD1 
217 O OD2 . ASP A 29 ? 1.0922 0.9735 0.6490 -0.1272 -0.0952 0.2045  29 ASP A OD2 
218 N N   . ARG A 30 ? 0.9156 0.8681 0.7238 -0.0859 -0.0080 0.1122  30 ARG A N   
219 C CA  . ARG A 30 ? 0.7809 0.7380 0.6381 -0.0792 0.0069  0.1054  30 ARG A CA  
220 C C   . ARG A 30 ? 0.7135 0.6873 0.5717 -0.0866 0.0284  0.0793  30 ARG A C   
221 O O   . ARG A 30 ? 0.7254 0.7201 0.5585 -0.0863 0.0345  0.0663  30 ARG A O   
222 C CB  . ARG A 30 ? 0.7494 0.7195 0.6400 -0.0688 -0.0122 0.1071  30 ARG A CB  
223 C CG  . ARG A 30 ? 0.7400 0.7197 0.6565 -0.0618 -0.0299 0.1464  30 ARG A CG  
224 C CD  . ARG A 30 ? 0.7553 0.7179 0.6891 -0.0428 -0.0049 0.1625  30 ARG A CD  
225 N NE  . ARG A 30 ? 0.7110 0.6967 0.6842 -0.0202 -0.0119 0.2047  30 ARG A NE  
226 C CZ  . ARG A 30 ? 0.7779 0.7379 0.7586 0.0102  0.0103  0.2224  30 ARG A CZ  
227 N NH1 . ARG A 30 ? 0.9387 0.8332 0.8802 0.0110  0.0336  0.1988  30 ARG A NH1 
228 N NH2 . ARG A 30 ? 0.8779 0.8751 0.9035 0.0403  0.0072  0.2666  30 ARG A NH2 
229 N N   . SER A 31 ? 0.7171 0.6810 0.5982 -0.0916 0.0393  0.0752  31 SER A N   
230 C CA  . SER A 31 ? 0.7055 0.6951 0.6030 -0.1021 0.0481  0.0548  31 SER A CA  
231 C C   . SER A 31 ? 0.6230 0.6348 0.5376 -0.0840 0.0372  0.0366  31 SER A C   
232 O O   . SER A 31 ? 0.6176 0.6148 0.5370 -0.0710 0.0241  0.0425  31 SER A O   
233 C CB  . SER A 31 ? 0.8280 0.7784 0.7253 -0.1166 0.0516  0.0546  31 SER A CB  
234 O OG  . SER A 31 ? 0.7205 0.6407 0.6197 -0.0932 0.0482  0.0514  31 SER A OG  
235 N N   . LEU A 32 ? 0.6495 0.7012 0.5771 -0.0840 0.0417  0.0218  32 LEU A N   
236 C CA  . LEU A 32 ? 0.6434 0.7116 0.5894 -0.0691 0.0311  0.0065  32 LEU A CA  
237 C C   . LEU A 32 ? 0.5471 0.5889 0.5011 -0.0718 0.0233  0.0079  32 LEU A C   
238 O O   . LEU A 32 ? 0.5960 0.6286 0.5531 -0.0585 0.0113  0.0101  32 LEU A O   
239 C CB  . LEU A 32 ? 0.6158 0.7422 0.5874 -0.0734 0.0402  0.0015  32 LEU A CB  
240 C CG  . LEU A 32 ? 0.6897 0.8566 0.6539 -0.0515 0.0561  -0.0006 32 LEU A CG  
241 C CD1 . LEU A 32 ? 0.6564 0.9086 0.6672 -0.0518 0.0680  0.0056  32 LEU A CD1 
242 C CD2 . LEU A 32 ? 0.8649 0.9928 0.7966 -0.0168 0.0435  -0.0169 32 LEU A CD2 
243 N N   . SER A 33 ? 0.6012 0.6238 0.5489 -0.0896 0.0299  0.0089  33 SER A N   
244 C CA  . SER A 33 ? 0.6852 0.6707 0.6178 -0.0860 0.0289  0.0050  33 SER A CA  
245 C C   . SER A 33 ? 0.7815 0.7514 0.7152 -0.0610 0.0333  0.0202  33 SER A C   
246 O O   . SER A 33 ? 0.8395 0.8172 0.7785 -0.0471 0.0318  0.0228  33 SER A O   
247 C CB  . SER A 33 ? 0.7599 0.6954 0.6602 -0.1080 0.0326  0.0017  33 SER A CB  
248 O OG  . SER A 33 ? 0.7158 0.6830 0.6267 -0.1405 0.0205  -0.0045 33 SER A OG  
249 N N   . TRP A 34 ? 0.6731 0.6332 0.6071 -0.0571 0.0369  0.0365  34 TRP A N   
250 C CA  . TRP A 34 ? 0.6560 0.6180 0.6043 -0.0349 0.0385  0.0621  34 TRP A CA  
251 C C   . TRP A 34 ? 0.6166 0.6193 0.5921 -0.0351 0.0187  0.0713  34 TRP A C   
252 O O   . TRP A 34 ? 0.6823 0.7066 0.6812 -0.0224 0.0198  0.0927  34 TRP A O   
253 C CB  . TRP A 34 ? 0.6781 0.6244 0.6212 -0.0336 0.0392  0.0827  34 TRP A CB  
254 C CG  . TRP A 34 ? 0.5602 0.5272 0.5319 -0.0103 0.0372  0.1178  34 TRP A CG  
255 C CD1 . TRP A 34 ? 0.6788 0.6267 0.6534 0.0223  0.0573  0.1379  34 TRP A CD1 
256 C CD2 . TRP A 34 ? 0.5254 0.5393 0.5281 -0.0173 0.0112  0.1425  34 TRP A CD2 
257 N NE1 . TRP A 34 ? 0.7328 0.7361 0.7552 0.0389  0.0488  0.1796  34 TRP A NE1 
258 C CE2 . TRP A 34 ? 0.6096 0.6536 0.6501 0.0076  0.0158  0.1842  34 TRP A CE2 
259 C CE3 . TRP A 34 ? 0.5680 0.5942 0.5641 -0.0411 -0.0177 0.1343  34 TRP A CE3 
260 C CZ2 . TRP A 34 ? 0.6353 0.7372 0.7194 -0.0022 -0.0136 0.2239  34 TRP A CZ2 
261 C CZ3 . TRP A 34 ? 0.6984 0.7538 0.7172 -0.0523 -0.0495 0.1659  34 TRP A CZ3 
262 C CH2 . TRP A 34 ? 0.6319 0.7326 0.7000 -0.0388 -0.0505 0.2131  34 TRP A CH2 
263 N N   . VAL A 35 ? 0.5958 0.6044 0.5633 -0.0477 0.0016  0.0587  35 VAL A N   
264 C CA  . VAL A 35 ? 0.6893 0.7058 0.6635 -0.0518 -0.0251 0.0648  35 VAL A CA  
265 C C   . VAL A 35 ? 0.6927 0.7204 0.6814 -0.0477 -0.0246 0.0615  35 VAL A C   
266 O O   . VAL A 35 ? 0.6737 0.7163 0.6831 -0.0515 -0.0381 0.0862  35 VAL A O   
267 C CB  . VAL A 35 ? 0.7375 0.7337 0.6762 -0.0549 -0.0382 0.0435  35 VAL A CB  
268 C CG1 . VAL A 35 ? 0.8145 0.7869 0.7403 -0.0578 -0.0692 0.0419  35 VAL A CG1 
269 C CG2 . VAL A 35 ? 0.7828 0.7665 0.6942 -0.0608 -0.0411 0.0515  35 VAL A CG2 
270 N N   . VAL A 36 ? 0.6866 0.7134 0.6659 -0.0446 -0.0126 0.0381  36 VAL A N   
271 C CA  . VAL A 36 ? 0.7460 0.7812 0.7288 -0.0418 -0.0165 0.0352  36 VAL A CA  
272 C C   . VAL A 36 ? 0.7296 0.7716 0.7156 -0.0340 0.0000  0.0547  36 VAL A C   
273 O O   . VAL A 36 ? 0.6607 0.7191 0.6574 -0.0335 -0.0068 0.0730  36 VAL A O   
274 C CB  . VAL A 36 ? 0.7041 0.7466 0.6789 -0.0444 -0.0130 0.0119  36 VAL A CB  
275 C CG1 . VAL A 36 ? 0.7227 0.7717 0.6929 -0.0430 -0.0200 0.0127  36 VAL A CG1 
276 C CG2 . VAL A 36 ? 0.6606 0.7147 0.6396 -0.0388 -0.0207 -0.0006 36 VAL A CG2 
277 N N   . GLN A 37 ? 0.7260 0.7524 0.6996 -0.0249 0.0224  0.0543  37 GLN A N   
278 C CA  . GLN A 37 ? 0.5957 0.6234 0.5636 -0.0013 0.0476  0.0728  37 GLN A CA  
279 C C   . GLN A 37 ? 0.6853 0.7658 0.7022 0.0028  0.0420  0.1153  37 GLN A C   
280 O O   . GLN A 37 ? 0.8044 0.9176 0.8313 0.0167  0.0569  0.1388  37 GLN A O   
281 C CB  . GLN A 37 ? 0.7896 0.7722 0.7291 0.0144  0.0696  0.0661  37 GLN A CB  
282 C CG  . GLN A 37 ? 0.7909 0.7116 0.6703 0.0047  0.0734  0.0316  37 GLN A CG  
283 C CD  . GLN A 37 ? 0.8303 0.6866 0.6766 0.0072  0.0834  0.0251  37 GLN A CD  
284 O OE1 . GLN A 37 ? 0.8519 0.7049 0.7118 0.0331  0.0977  0.0473  37 GLN A OE1 
285 N NE2 . GLN A 37 ? 0.8267 0.6331 0.6319 -0.0229 0.0719  0.0004  37 GLN A NE2 
286 N N   . GLN A 38 ? 0.6556 0.7480 0.6992 -0.0123 0.0190  0.1290  38 GLN A N   
287 C CA  . GLN A 38 ? 0.6809 0.8283 0.7753 -0.0199 0.0030  0.1773  38 GLN A CA  
288 C C   . GLN A 38 ? 0.6450 0.8041 0.7482 -0.0441 -0.0225 0.1878  38 GLN A C   
289 O O   . GLN A 38 ? 0.6412 0.8575 0.7867 -0.0497 -0.0238 0.2342  38 GLN A O   
290 C CB  . GLN A 38 ? 0.8560 1.0009 0.9606 -0.0348 -0.0224 0.1889  38 GLN A CB  
291 C CG  . GLN A 38 ? 1.0201 1.1470 1.1133 -0.0105 0.0021  0.1849  38 GLN A CG  
292 C CD  . GLN A 38 ? 0.8629 1.0264 0.9867 0.0295  0.0362  0.2183  38 GLN A CD  
293 O OE1 . GLN A 38 ? 0.6404 0.8780 0.8226 0.0340  0.0317  0.2678  38 GLN A OE1 
294 N NE2 . GLN A 38 ? 0.8763 0.9868 0.9587 0.0602  0.0700  0.1948  38 GLN A NE2 
295 N N   . ALA A 39 ? 0.6712 0.7822 0.7387 -0.0560 -0.0412 0.1520  39 ALA A N   
296 C CA  . ALA A 39 ? 0.7447 0.8435 0.8074 -0.0734 -0.0673 0.1578  39 ALA A CA  
297 C C   . ALA A 39 ? 0.6163 0.7508 0.6858 -0.0621 -0.0425 0.1760  39 ALA A C   
298 O O   . ALA A 39 ? 0.6384 0.8006 0.7305 -0.0794 -0.0560 0.2151  39 ALA A O   
299 C CB  . ALA A 39 ? 0.7089 0.7541 0.7322 -0.0698 -0.0809 0.1148  39 ALA A CB  
300 N N   . TRP A 40 ? 0.6295 0.7582 0.6714 -0.0371 -0.0087 0.1510  40 TRP A N   
301 C CA  . TRP A 40 ? 0.7463 0.8946 0.7682 -0.0214 0.0180  0.1618  40 TRP A CA  
302 C C   . TRP A 40 ? 0.6994 0.9141 0.7607 -0.0077 0.0441  0.2129  40 TRP A C   
303 O O   . TRP A 40 ? 0.7785 1.0379 0.8566 -0.0163 0.0451  0.2523  40 TRP A O   
304 C CB  . TRP A 40 ? 0.6847 0.7917 0.6500 -0.0019 0.0416  0.1206  40 TRP A CB  
305 C CG  . TRP A 40 ? 0.8175 0.9282 0.7378 0.0158  0.0670  0.1269  40 TRP A CG  
306 C CD1 . TRP A 40 ? 0.8260 0.9257 0.7045 0.0507  0.1092  0.1264  40 TRP A CD1 
307 C CD2 . TRP A 40 ? 0.8050 0.9245 0.7056 0.0040  0.0532  0.1369  40 TRP A CD2 
308 N NE1 . TRP A 40 ? 0.8323 0.9332 0.6578 0.0615  0.1248  0.1316  40 TRP A NE1 
309 C CE2 . TRP A 40 ? 0.8637 0.9804 0.7043 0.0297  0.0891  0.1401  40 TRP A CE2 
310 C CE3 . TRP A 40 ? 0.7523 0.8716 0.6700 -0.0209 0.0141  0.1426  40 TRP A CE3 
311 C CZ2 . TRP A 40 ? 0.8840 1.0073 0.6832 0.0250  0.0858  0.1525  40 TRP A CZ2 
312 C CZ3 . TRP A 40 ? 0.7883 0.9123 0.6737 -0.0247 0.0084  0.1573  40 TRP A CZ3 
313 C CH2 . TRP A 40 ? 0.7916 0.9227 0.6197 -0.0051 0.0432  0.1641  40 TRP A CH2 
314 N N   . LYS A 41 ? 0.7161 0.9446 0.7965 0.0138  0.0645  0.2191  41 LYS A N   
315 C CA  . LYS A 41 ? 0.5902 0.9002 0.7222 0.0382  0.0940  0.2743  41 LYS A CA  
316 C C   . LYS A 41 ? 0.6037 0.9861 0.8051 -0.0029 0.0604  0.3327  41 LYS A C   
317 O O   . LYS A 41 ? 0.6310 1.0995 0.8735 0.0085  0.0861  0.3869  41 LYS A O   
318 C CB  . LYS A 41 ? 0.6930 1.0021 0.8445 0.0629  0.1057  0.2761  41 LYS A CB  
319 C CG  . LYS A 41 ? 0.8933 1.1290 0.9753 0.1073  0.1441  0.2335  41 LYS A CG  
320 C CD  . LYS A 41 ? 1.0946 1.3153 1.1928 0.1273  0.1480  0.2385  41 LYS A CD  
321 C CE  . LYS A 41 ? 1.2604 1.3886 1.2806 0.1700  0.1829  0.2014  41 LYS A CE  
322 N NZ  . LYS A 41 ? 1.3387 1.4541 1.3782 0.1958  0.1885  0.2181  41 LYS A NZ  
323 N N   . ILE A 42 ? 0.5511 0.8959 0.7587 -0.0491 0.0054  0.3243  42 ILE A N   
324 C CA  . ILE A 42 ? 0.5461 0.9316 0.8051 -0.1002 -0.0407 0.3788  42 ILE A CA  
325 C C   . ILE A 42 ? 0.6695 1.0525 0.9125 -0.1182 -0.0458 0.3942  42 ILE A C   
326 O O   . ILE A 42 ? 0.7288 1.1884 1.0259 -0.1452 -0.0533 0.4611  42 ILE A O   
327 C CB  . ILE A 42 ? 0.6306 0.9452 0.8709 -0.1388 -0.0994 0.3568  42 ILE A CB  
328 C CG1 . ILE A 42 ? 0.8246 1.1673 1.0937 -0.1320 -0.1019 0.3674  42 ILE A CG1 
329 C CG2 . ILE A 42 ? 0.6538 0.9544 0.9063 -0.1984 -0.1587 0.3948  42 ILE A CG2 
330 C CD1 . ILE A 42 ? 0.6949 0.9485 0.9105 -0.1512 -0.1419 0.3247  42 ILE A CD1 
331 N N   . ALA A 43 ? 0.6804 0.9877 0.8571 -0.1059 -0.0436 0.3415  43 ALA A N   
332 C CA  . ALA A 43 ? 0.7441 1.0215 0.8945 -0.1277 -0.0656 0.3499  43 ALA A CA  
333 C C   . ALA A 43 ? 0.7334 1.0568 0.8631 -0.1006 -0.0188 0.3652  43 ALA A C   
334 O O   . ALA A 43 ? 0.8887 1.2223 1.0153 -0.1241 -0.0326 0.4015  43 ALA A O   
335 C CB  . ALA A 43 ? 0.8165 0.9949 0.9130 -0.1261 -0.0946 0.2911  43 ALA A CB  
336 N N   . ARG A 44 ? 0.7484 1.0855 0.8520 -0.0541 0.0320  0.3393  44 ARG A N   
337 C CA  . ARG A 44 ? 0.7739 1.1284 0.8241 -0.0191 0.0800  0.3390  44 ARG A CA  
338 C C   . ARG A 44 ? 0.9543 1.3783 1.0251 -0.0378 0.0857  0.4061  44 ARG A C   
339 O O   . ARG A 44 ? 0.8637 1.2571 0.8788 -0.0441 0.0790  0.4006  44 ARG A O   
340 C CB  . ARG A 44 ? 1.0081 1.3919 1.0516 0.0335  0.1371  0.3351  44 ARG A CB  
341 C CG  . ARG A 44 ? 1.2812 1.5745 1.2325 0.0650  0.1551  0.2663  44 ARG A CG  
342 C CD  . ARG A 44 ? 1.5429 1.8380 1.4466 0.1261  0.2179  0.2636  44 ARG A CD  
343 N NE  . ARG A 44 ? 1.3874 1.6757 1.3247 0.1505  0.2297  0.2572  44 ARG A NE  
344 C CZ  . ARG A 44 ? 1.4530 1.8321 1.4755 0.1689  0.2482  0.3112  44 ARG A CZ  
345 N NH1 . ARG A 44 ? 1.5510 2.0439 1.6418 0.1602  0.2577  0.3795  44 ARG A NH1 
346 N NH2 . ARG A 44 ? 1.1874 1.5488 1.2306 0.1927  0.2543  0.3033  44 ARG A NH2 
347 N N   . GLU A 45 ? 0.8213 1.3441 0.9733 -0.0490 0.0957  0.4739  45 GLU A N   
348 C CA  . GLU A 45 ? 0.9799 1.6009 1.1675 -0.0663 0.1125  0.5544  45 GLU A CA  
349 C C   . GLU A 45 ? 0.9244 1.4939 1.1014 -0.1268 0.0523  0.5716  45 GLU A C   
350 O O   . GLU A 45 ? 1.0623 1.6393 1.1941 -0.1263 0.0672  0.5925  45 GLU A O   
351 C CB  . GLU A 45 ? 1.0074 1.7571 1.3061 -0.0759 0.1235  0.6298  45 GLU A CB  
352 C CG  . GLU A 45 ? 1.1953 2.0010 1.5045 -0.0024 0.1900  0.6227  45 GLU A CG  
353 C CD  . GLU A 45 ? 1.2482 2.0236 1.4549 0.0679  0.2589  0.5849  45 GLU A CD  
354 O OE1 . GLU A 45 ? 1.1181 1.9714 1.3156 0.0833  0.3019  0.6350  45 GLU A OE1 
355 O OE2 . GLU A 45 ? 1.4405 2.1082 1.5677 0.1026  0.2664  0.5066  45 GLU A OE2 
356 N N   . ARG A 46 ? 0.7497 1.2584 0.9546 -0.1730 -0.0129 0.5630  46 ARG A N   
357 C CA  . ARG A 46 ? 0.8607 1.2890 1.0446 -0.2252 -0.0769 0.5742  46 ARG A CA  
358 C C   . ARG A 46 ? 0.9727 1.3238 1.0707 -0.1969 -0.0727 0.5238  46 ARG A C   
359 O O   . ARG A 46 ? 1.0536 1.3873 1.1281 -0.2215 -0.0929 0.5595  46 ARG A O   
360 C CB  . ARG A 46 ? 0.8196 1.1640 1.0148 -0.2593 -0.1398 0.5492  46 ARG A CB  
361 C CG  . ARG A 46 ? 1.1242 1.3421 1.2697 -0.2921 -0.2034 0.5367  46 ARG A CG  
362 C CD  . ARG A 46 ? 1.3282 1.5165 1.5007 -0.3664 -0.2684 0.5972  46 ARG A CD  
363 N NE  . ARG A 46 ? 1.3745 1.3987 1.4775 -0.3797 -0.3303 0.5573  46 ARG A NE  
364 C CZ  . ARG A 46 ? 1.6638 1.5991 1.7467 -0.4406 -0.3976 0.5968  46 ARG A CZ  
365 N NH1 . ARG A 46 ? 1.4838 1.4916 1.6231 -0.5078 -0.4176 0.6861  46 ARG A NH1 
366 N NH2 . ARG A 46 ? 1.8602 1.6301 1.8633 -0.4331 -0.4452 0.5496  46 ARG A NH2 
367 N N   . ILE A 47 ? 0.8497 1.1618 0.9046 -0.1513 -0.0502 0.4514  47 ILE A N   
368 C CA  . ILE A 47 ? 0.8974 1.1436 0.8787 -0.1292 -0.0556 0.4028  47 ILE A CA  
369 C C   . ILE A 47 ? 0.8854 1.1786 0.8172 -0.1102 -0.0130 0.4262  47 ILE A C   
370 O O   . ILE A 47 ? 0.8783 1.1373 0.7630 -0.1179 -0.0345 0.4313  47 ILE A O   
371 C CB  . ILE A 47 ? 0.8608 1.0622 0.8197 -0.0984 -0.0496 0.3280  47 ILE A CB  
372 C CG1 . ILE A 47 ? 0.8114 0.9528 0.7955 -0.1125 -0.0939 0.3020  47 ILE A CG1 
373 C CG2 . ILE A 47 ? 0.9453 1.1143 0.8353 -0.0779 -0.0466 0.2911  47 ILE A CG2 
374 C CD1 . ILE A 47 ? 0.7747 0.8954 0.7522 -0.0878 -0.0815 0.2428  47 ILE A CD1 
375 N N   . LYS A 48 ? 0.8638 1.2280 0.7990 -0.0810 0.0457  0.4403  48 LYS A N   
376 C CA  . LYS A 48 ? 0.9458 1.3501 0.8132 -0.0501 0.0990  0.4577  48 LYS A CA  
377 C C   . LYS A 48 ? 1.0948 1.5558 0.9791 -0.0844 0.0928  0.5381  48 LYS A C   
378 O O   . LYS A 48 ? 1.1630 1.6476 0.9753 -0.0646 0.1291  0.5562  48 LYS A O   
379 C CB  . LYS A 48 ? 1.0439 1.5088 0.9159 -0.0007 0.1673  0.4601  48 LYS A CB  
380 C CG  . LYS A 48 ? 1.2182 1.6072 1.0314 0.0395  0.1828  0.3812  48 LYS A CG  
381 C CD  . LYS A 48 ? 1.3927 1.8259 1.2280 0.0893  0.2399  0.3863  48 LYS A CD  
382 C CE  . LYS A 48 ? 1.4910 1.9396 1.2356 0.1500  0.3119  0.3912  48 LYS A CE  
383 N NZ  . LYS A 48 ? 1.6889 2.0171 1.3153 0.1880  0.3252  0.3118  48 LYS A NZ  
384 N N   . SER A 49 ? 1.0281 1.4984 0.9915 -0.1368 0.0450  0.5840  49 SER A N   
385 C CA  . SER A 49 ? 1.0962 1.6049 1.0841 -0.1868 0.0232  0.6683  49 SER A CA  
386 C C   . SER A 49 ? 1.0321 1.4289 0.9738 -0.2152 -0.0422 0.6545  49 SER A C   
387 O O   . SER A 49 ? 1.1250 1.5320 1.0616 -0.2528 -0.0609 0.7210  49 SER A O   
388 C CB  . SER A 49 ? 1.0362 1.6169 1.1322 -0.2342 0.0051  0.7355  49 SER A CB  
389 O OG  . SER A 49 ? 1.0683 1.5507 1.1871 -0.2772 -0.0698 0.7147  49 SER A OG  
390 N N   . PHE A 50 ? 0.9470 1.2466 0.8580 -0.1959 -0.0742 0.5785  50 PHE A N   
391 C CA  . PHE A 50 ? 1.3280 1.5306 1.1924 -0.2031 -0.1279 0.5629  50 PHE A CA  
392 C C   . PHE A 50 ? 1.4608 1.6844 1.2517 -0.1931 -0.1095 0.5880  50 PHE A C   
393 O O   . PHE A 50 ? 1.3327 1.6208 1.0860 -0.1665 -0.0524 0.5862  50 PHE A O   
394 C CB  . PHE A 50 ? 1.5159 1.6488 1.3662 -0.1707 -0.1475 0.4802  50 PHE A CB  
395 C CG  . PHE A 50 ? 1.4227 1.5038 1.3207 -0.1803 -0.1794 0.4544  50 PHE A CG  
396 C CD1 . PHE A 50 ? 1.3185 1.4251 1.2708 -0.2150 -0.1841 0.4915  50 PHE A CD1 
397 C CD2 . PHE A 50 ? 1.2676 1.2808 1.1529 -0.1536 -0.2040 0.3947  50 PHE A CD2 
398 C CE1 . PHE A 50 ? 1.3305 1.3767 1.3057 -0.2249 -0.2175 0.4638  50 PHE A CE1 
399 C CE2 . PHE A 50 ? 1.1720 1.1320 1.0823 -0.1558 -0.2278 0.3678  50 PHE A CE2 
400 C CZ  . PHE A 50 ? 1.5281 1.4952 1.4743 -0.1925 -0.2363 0.3995  50 PHE A CZ  
401 N N   . PRO A 51 ? 1.5338 1.6953 1.2908 -0.2098 -0.1574 0.6120  51 PRO A N   
402 C CA  . PRO A 51 ? 1.5153 1.7009 1.2013 -0.2112 -0.1457 0.6545  51 PRO A CA  
403 C C   . PRO A 51 ? 1.5812 1.7399 1.1799 -0.1762 -0.1487 0.6077  51 PRO A C   
404 O O   . PRO A 51 ? 1.3797 1.5835 0.9152 -0.1534 -0.0998 0.5926  51 PRO A O   
405 C CB  . PRO A 51 ? 1.6047 1.7264 1.3042 -0.2545 -0.2062 0.7155  51 PRO A CB  
406 C CG  . PRO A 51 ? 1.6092 1.6308 1.3448 -0.2480 -0.2586 0.6661  51 PRO A CG  
407 C CD  . PRO A 51 ? 1.4217 1.4800 1.1990 -0.2247 -0.2243 0.6044  51 PRO A CD  
# 
